data_1XLM
#
_entry.id   1XLM
#
_cell.length_a   139.600
_cell.length_b   140.700
_cell.length_c   83.600
_cell.angle_alpha   90.00
_cell.angle_beta   90.00
_cell.angle_gamma   90.00
#
_symmetry.space_group_name_H-M   'C 2 2 2'
#
loop_
_entity.id
_entity.type
_entity.pdbx_description
1 polymer 'D-XYLOSE ISOMERASE'
2 non-polymer Xylitol
3 non-polymer 'ALUMINUM ION'
4 water water
#
_entity_poly.entity_id   1
_entity_poly.type   'polypeptide(L)'
_entity_poly.pdbx_seq_one_letter_code
;SVQPTPADHFTFGLWTVGWTGADPFGVATRKNLDPVEAVHKLAELGAYGITFHDNDLIPFDATEAEREKILGDFNQALKD
TGLKVPMVTTNLFSHPVFKDGGFTSNDRSIRRFALAKVLHNIDLAAEMGAETFVMWGGREGSEYDGSKDLAAALDRMREG
VDTAAGYIKDKGYNLRIALEPKPNEPRGDIFLPTVGHGLAFIEQLEHGDIVGLNPETGHEQMAGLNFTHGIAQALWAEKL
FHIDLNGQRGIKYEQELVFGHGDLTSAFFTVDLLENGFPNGGPKYTGPRHFDYKPSRTDGYDGVWDSAKANMSMYLLLKE
RALAFRADPEVQEAMKTSGVFELGETTLNAGESAADLMNDSASFAGFDAEAAAERNFAFIRLNQLAIEHLLGSR
;
_entity_poly.pdbx_strand_id   A,B
#
loop_
_chem_comp.id
_chem_comp.type
_chem_comp.name
_chem_comp.formula
AL non-polymer 'ALUMINUM ION' 'Al 3'
XYL D-saccharide Xylitol 'C5 H12 O5'
#
# COMPACT_ATOMS: atom_id res chain seq x y z
N VAL A 2 11.71 -13.87 -18.85
CA VAL A 2 12.37 -12.56 -19.11
C VAL A 2 13.82 -12.62 -18.63
N GLN A 3 14.74 -12.31 -19.53
CA GLN A 3 16.18 -12.32 -19.21
C GLN A 3 16.70 -10.91 -19.51
N PRO A 4 17.27 -10.24 -18.50
CA PRO A 4 17.80 -8.89 -18.67
C PRO A 4 19.15 -8.81 -19.38
N THR A 5 19.36 -7.70 -20.06
CA THR A 5 20.59 -7.42 -20.78
C THR A 5 20.95 -5.97 -20.48
N PRO A 6 22.23 -5.59 -20.64
CA PRO A 6 22.67 -4.22 -20.38
C PRO A 6 21.91 -3.18 -21.19
N ALA A 7 21.24 -3.63 -22.26
CA ALA A 7 20.44 -2.77 -23.12
C ALA A 7 19.34 -2.11 -22.28
N ASP A 8 18.82 -2.88 -21.32
CA ASP A 8 17.77 -2.43 -20.42
C ASP A 8 18.24 -1.30 -19.52
N HIS A 9 19.56 -1.21 -19.35
CA HIS A 9 20.18 -0.16 -18.52
C HIS A 9 19.85 -0.25 -17.04
N PHE A 10 19.96 -1.46 -16.49
CA PHE A 10 19.69 -1.68 -15.06
C PHE A 10 20.99 -1.41 -14.30
N THR A 11 20.90 -0.66 -13.22
CA THR A 11 22.07 -0.33 -12.42
C THR A 11 21.78 -0.59 -10.95
N PHE A 12 22.82 -0.90 -10.20
CA PHE A 12 22.70 -1.18 -8.77
C PHE A 12 23.78 -0.42 -8.01
N GLY A 13 23.45 -0.03 -6.78
CA GLY A 13 24.41 0.67 -5.96
C GLY A 13 25.25 -0.38 -5.28
N LEU A 14 26.54 -0.10 -5.12
CA LEU A 14 27.47 -1.02 -4.46
C LEU A 14 26.95 -1.34 -3.05
N TRP A 15 26.30 -0.36 -2.45
CA TRP A 15 25.75 -0.46 -1.11
C TRP A 15 24.45 -1.28 -1.02
N THR A 16 23.79 -1.53 -2.15
CA THR A 16 22.57 -2.31 -2.12
C THR A 16 22.92 -3.75 -1.81
N VAL A 17 23.58 -4.41 -2.75
CA VAL A 17 24.01 -5.80 -2.58
C VAL A 17 25.09 -5.89 -1.49
N GLY A 18 25.81 -4.79 -1.28
CA GLY A 18 26.86 -4.76 -0.28
C GLY A 18 26.38 -4.59 1.15
N TRP A 19 25.07 -4.39 1.36
CA TRP A 19 24.51 -4.23 2.69
C TRP A 19 24.63 -5.54 3.47
N THR A 20 25.33 -5.48 4.60
CA THR A 20 25.55 -6.66 5.42
C THR A 20 24.44 -7.01 6.42
N GLY A 21 23.45 -6.13 6.58
CA GLY A 21 22.36 -6.45 7.48
C GLY A 21 22.23 -5.66 8.77
N ALA A 22 23.22 -4.85 9.10
CA ALA A 22 23.15 -4.06 10.32
C ALA A 22 21.98 -3.08 10.23
N ASP A 23 21.08 -3.14 11.20
CA ASP A 23 19.94 -2.23 11.23
C ASP A 23 19.86 -1.53 12.60
N PRO A 24 18.76 -0.80 12.87
CA PRO A 24 18.74 -0.14 14.19
C PRO A 24 18.83 -1.06 15.41
N PHE A 25 18.19 -2.22 15.35
CA PHE A 25 18.16 -3.14 16.48
C PHE A 25 19.02 -4.41 16.39
N GLY A 26 19.96 -4.46 15.48
CA GLY A 26 20.80 -5.68 15.35
C GLY A 26 22.10 -5.37 14.61
N VAL A 27 22.98 -6.37 14.61
CA VAL A 27 24.28 -6.27 13.92
C VAL A 27 24.17 -6.91 12.53
N ALA A 28 25.25 -6.78 11.78
CA ALA A 28 25.32 -7.33 10.41
C ALA A 28 25.12 -8.85 10.46
N THR A 29 24.46 -9.37 9.44
CA THR A 29 24.18 -10.80 9.35
C THR A 29 25.01 -11.48 8.23
N ARG A 30 25.65 -10.66 7.40
CA ARG A 30 26.49 -11.14 6.26
C ARG A 30 27.94 -10.57 6.36
N LYS A 31 28.84 -11.16 5.58
CA LYS A 31 30.31 -10.79 5.56
C LYS A 31 30.59 -9.63 4.58
N ASN A 32 31.89 -9.35 4.37
CA ASN A 32 32.37 -8.22 3.52
C ASN A 32 32.43 -8.59 2.01
N LEU A 33 31.46 -7.99 1.27
CA LEU A 33 31.32 -8.13 -0.21
C LEU A 33 32.37 -7.29 -0.89
N ASP A 34 33.25 -7.99 -1.52
CA ASP A 34 34.36 -7.40 -2.24
C ASP A 34 33.82 -6.60 -3.41
N PRO A 35 34.22 -5.33 -3.58
CA PRO A 35 33.71 -4.46 -4.63
C PRO A 35 34.00 -5.02 -6.03
N VAL A 36 35.11 -5.75 -6.14
CA VAL A 36 35.50 -6.36 -7.41
C VAL A 36 34.60 -7.57 -7.69
N GLU A 37 34.26 -8.29 -6.63
CA GLU A 37 33.41 -9.46 -6.76
C GLU A 37 32.03 -8.99 -7.18
N ALA A 38 31.56 -7.94 -6.51
CA ALA A 38 30.26 -7.35 -6.79
C ALA A 38 30.17 -6.94 -8.26
N VAL A 39 31.21 -6.27 -8.77
CA VAL A 39 31.23 -5.84 -10.16
C VAL A 39 31.12 -7.04 -11.11
N HIS A 40 31.80 -8.13 -10.77
CA HIS A 40 31.77 -9.32 -11.61
C HIS A 40 30.44 -10.06 -11.56
N LYS A 41 29.85 -10.14 -10.37
CA LYS A 41 28.58 -10.83 -10.19
C LYS A 41 27.46 -10.07 -10.90
N LEU A 42 27.44 -8.75 -10.73
CA LEU A 42 26.43 -7.90 -11.36
C LEU A 42 26.51 -7.98 -12.88
N ALA A 43 27.73 -7.95 -13.40
CA ALA A 43 27.96 -8.05 -14.84
C ALA A 43 27.34 -9.37 -15.30
N GLU A 44 27.70 -10.42 -14.58
CA GLU A 44 27.21 -11.76 -14.85
C GLU A 44 25.69 -11.80 -14.85
N LEU A 45 25.07 -11.06 -13.94
CA LEU A 45 23.62 -11.02 -13.82
C LEU A 45 22.88 -10.27 -14.94
N GLY A 46 23.60 -9.47 -15.70
CA GLY A 46 22.97 -8.73 -16.78
C GLY A 46 22.82 -7.25 -16.50
N ALA A 47 23.44 -6.77 -15.44
CA ALA A 47 23.38 -5.35 -15.09
C ALA A 47 24.16 -4.53 -16.11
N TYR A 48 23.75 -3.28 -16.28
CA TYR A 48 24.37 -2.35 -17.21
C TYR A 48 25.46 -1.51 -16.52
N GLY A 49 25.23 -1.17 -15.26
CA GLY A 49 26.19 -0.37 -14.54
C GLY A 49 26.12 -0.51 -13.03
N ILE A 50 27.03 0.19 -12.36
CA ILE A 50 27.10 0.18 -10.91
C ILE A 50 27.27 1.61 -10.41
N THR A 51 26.80 1.87 -9.19
CA THR A 51 26.87 3.19 -8.57
C THR A 51 27.45 2.98 -7.17
N PHE A 52 27.88 4.07 -6.54
CA PHE A 52 28.45 3.97 -5.20
C PHE A 52 28.69 5.35 -4.57
N HIS A 53 28.68 5.33 -3.24
CA HIS A 53 29.04 6.49 -2.42
C HIS A 53 30.55 6.52 -2.40
N ASP A 54 31.14 7.66 -2.23
CA ASP A 54 32.59 7.74 -2.24
C ASP A 54 33.18 6.73 -1.24
N ASN A 55 32.57 6.63 -0.07
CA ASN A 55 33.04 5.72 0.97
C ASN A 55 32.66 4.26 0.82
N ASP A 56 31.81 3.93 -0.15
CA ASP A 56 31.44 2.53 -0.37
C ASP A 56 32.69 1.90 -0.97
N LEU A 57 33.36 2.67 -1.81
CA LEU A 57 34.56 2.24 -2.48
C LEU A 57 35.83 2.53 -1.67
N ILE A 58 36.05 3.80 -1.35
CA ILE A 58 37.24 4.20 -0.60
C ILE A 58 36.85 4.60 0.82
N PRO A 59 37.36 3.89 1.83
CA PRO A 59 37.07 4.16 3.23
C PRO A 59 37.45 5.57 3.69
N PHE A 60 36.69 6.09 4.63
CA PHE A 60 36.88 7.43 5.18
C PHE A 60 38.32 7.65 5.64
N ASP A 61 38.89 6.65 6.31
CA ASP A 61 40.26 6.76 6.81
C ASP A 61 41.32 6.09 5.95
N ALA A 62 41.07 5.99 4.65
CA ALA A 62 42.03 5.35 3.74
C ALA A 62 43.28 6.19 3.48
N THR A 63 44.42 5.51 3.38
CA THR A 63 45.69 6.18 3.10
C THR A 63 45.89 6.12 1.58
N GLU A 64 46.74 6.98 1.03
CA GLU A 64 46.99 7.06 -0.42
C GLU A 64 47.24 5.71 -1.10
N ALA A 65 48.05 4.86 -0.47
CA ALA A 65 48.36 3.54 -1.03
C ALA A 65 47.11 2.67 -1.07
N GLU A 66 46.26 2.80 -0.07
CA GLU A 66 45.03 2.02 0.00
C GLU A 66 44.07 2.53 -1.06
N ARG A 67 43.94 3.85 -1.13
CA ARG A 67 43.05 4.46 -2.12
C ARG A 67 43.48 4.02 -3.51
N GLU A 68 44.78 4.11 -3.78
CA GLU A 68 45.31 3.73 -5.08
C GLU A 68 45.09 2.27 -5.47
N LYS A 69 45.25 1.34 -4.53
CA LYS A 69 45.07 -0.07 -4.86
C LYS A 69 43.59 -0.43 -5.07
N ILE A 70 42.71 0.22 -4.31
CA ILE A 70 41.27 0.00 -4.42
C ILE A 70 40.79 0.44 -5.80
N LEU A 71 41.04 1.70 -6.14
CA LEU A 71 40.65 2.27 -7.43
C LEU A 71 41.26 1.47 -8.57
N GLY A 72 42.52 1.07 -8.41
CA GLY A 72 43.20 0.29 -9.42
C GLY A 72 42.47 -1.01 -9.71
N ASP A 73 42.18 -1.77 -8.65
CA ASP A 73 41.48 -3.04 -8.79
C ASP A 73 40.08 -2.83 -9.38
N PHE A 74 39.39 -1.81 -8.87
CA PHE A 74 38.04 -1.48 -9.31
C PHE A 74 37.98 -1.14 -10.80
N ASN A 75 38.92 -0.33 -11.26
CA ASN A 75 38.96 0.06 -12.67
C ASN A 75 39.24 -1.12 -13.59
N GLN A 76 40.08 -2.04 -13.13
CA GLN A 76 40.40 -3.22 -13.91
C GLN A 76 39.15 -4.09 -13.99
N ALA A 77 38.42 -4.18 -12.89
CA ALA A 77 37.19 -4.97 -12.84
C ALA A 77 36.18 -4.40 -13.85
N LEU A 78 36.07 -3.07 -13.88
CA LEU A 78 35.15 -2.39 -14.80
C LEU A 78 35.53 -2.66 -16.24
N LYS A 79 36.82 -2.52 -16.56
CA LYS A 79 37.33 -2.74 -17.92
C LYS A 79 37.08 -4.19 -18.37
N ASP A 80 37.22 -5.12 -17.45
CA ASP A 80 37.00 -6.52 -17.77
C ASP A 80 35.53 -6.82 -18.06
N THR A 81 34.68 -6.47 -17.10
CA THR A 81 33.25 -6.73 -17.21
C THR A 81 32.53 -5.88 -18.25
N GLY A 82 32.99 -4.64 -18.41
CA GLY A 82 32.36 -3.72 -19.34
C GLY A 82 31.27 -2.91 -18.65
N LEU A 83 31.19 -3.04 -17.31
CA LEU A 83 30.18 -2.30 -16.56
C LEU A 83 30.48 -0.81 -16.57
N LYS A 84 29.41 -0.02 -16.61
CA LYS A 84 29.51 1.42 -16.62
C LYS A 84 29.24 1.97 -15.21
N VAL A 85 29.60 3.23 -14.96
CA VAL A 85 29.37 3.89 -13.67
C VAL A 85 28.59 5.16 -14.02
N PRO A 86 27.29 5.04 -14.30
CA PRO A 86 26.45 6.18 -14.68
C PRO A 86 26.22 7.22 -13.59
N MET A 87 26.38 6.83 -12.33
CA MET A 87 26.11 7.75 -11.23
C MET A 87 27.00 7.52 -10.01
N VAL A 88 27.36 8.62 -9.35
CA VAL A 88 28.18 8.60 -8.14
C VAL A 88 27.53 9.56 -7.13
N THR A 89 27.73 9.30 -5.85
CA THR A 89 27.18 10.14 -4.80
C THR A 89 28.11 10.19 -3.58
N THR A 90 27.97 11.23 -2.77
CA THR A 90 28.81 11.41 -1.58
C THR A 90 28.11 10.86 -0.33
N ASN A 91 28.88 10.37 0.63
CA ASN A 91 28.30 9.88 1.86
C ASN A 91 28.44 10.97 2.90
N LEU A 92 27.33 11.69 3.15
CA LEU A 92 27.30 12.77 4.13
C LEU A 92 26.34 12.41 5.25
N PHE A 93 26.45 11.19 5.76
CA PHE A 93 25.54 10.74 6.83
C PHE A 93 26.08 9.73 7.85
N SER A 94 27.00 8.86 7.43
CA SER A 94 27.54 7.83 8.32
C SER A 94 28.51 8.26 9.41
N HIS A 95 29.47 9.11 9.05
CA HIS A 95 30.46 9.57 10.02
C HIS A 95 29.79 10.45 11.09
N PRO A 96 30.16 10.26 12.37
CA PRO A 96 29.59 11.04 13.48
C PRO A 96 29.69 12.56 13.34
N VAL A 97 30.62 13.04 12.50
CA VAL A 97 30.78 14.48 12.28
C VAL A 97 29.55 15.04 11.58
N PHE A 98 28.83 14.17 10.87
CA PHE A 98 27.63 14.55 10.14
C PHE A 98 26.34 14.34 10.94
N LYS A 99 26.46 14.15 12.25
CA LYS A 99 25.29 13.92 13.10
C LYS A 99 24.19 14.98 12.98
N ASP A 100 24.58 16.21 12.63
CA ASP A 100 23.62 17.30 12.47
C ASP A 100 23.57 17.74 11.00
N GLY A 101 23.94 16.83 10.11
CA GLY A 101 23.94 17.14 8.70
C GLY A 101 25.27 17.61 8.17
N GLY A 102 25.34 17.78 6.85
CA GLY A 102 26.54 18.24 6.21
C GLY A 102 26.41 19.68 5.76
N PHE A 103 25.63 19.91 4.71
CA PHE A 103 25.40 21.25 4.16
C PHE A 103 24.67 22.21 5.10
N THR A 104 23.76 21.67 5.92
CA THR A 104 23.00 22.50 6.84
C THR A 104 23.34 22.30 8.32
N SER A 105 24.51 21.74 8.60
CA SER A 105 24.93 21.55 9.99
C SER A 105 25.07 22.93 10.62
N ASN A 106 24.61 23.06 11.86
CA ASN A 106 24.71 24.35 12.56
C ASN A 106 26.17 24.77 12.72
N ASP A 107 27.06 23.79 12.78
CA ASP A 107 28.49 24.02 12.92
C ASP A 107 29.07 24.38 11.55
N ARG A 108 29.64 25.58 11.44
CA ARG A 108 30.21 26.07 10.19
C ARG A 108 31.41 25.28 9.62
N SER A 109 32.32 24.82 10.48
CA SER A 109 33.47 24.08 9.99
C SER A 109 33.06 22.74 9.38
N ILE A 110 31.97 22.16 9.90
CA ILE A 110 31.44 20.91 9.40
C ILE A 110 30.81 21.13 8.02
N ARG A 111 30.16 22.28 7.84
CA ARG A 111 29.55 22.62 6.55
C ARG A 111 30.65 22.73 5.50
N ARG A 112 31.74 23.40 5.85
CA ARG A 112 32.87 23.58 4.94
C ARG A 112 33.49 22.23 4.58
N PHE A 113 33.63 21.36 5.57
CA PHE A 113 34.19 20.03 5.36
C PHE A 113 33.29 19.17 4.45
N ALA A 114 31.98 19.23 4.69
CA ALA A 114 31.01 18.48 3.90
C ALA A 114 31.03 18.93 2.43
N LEU A 115 31.15 20.23 2.22
CA LEU A 115 31.19 20.78 0.86
C LEU A 115 32.48 20.39 0.14
N ALA A 116 33.60 20.46 0.85
CA ALA A 116 34.90 20.10 0.30
C ALA A 116 34.90 18.62 -0.09
N LYS A 117 34.29 17.80 0.75
CA LYS A 117 34.18 16.36 0.52
C LYS A 117 33.41 16.12 -0.78
N VAL A 118 32.38 16.93 -1.01
CA VAL A 118 31.55 16.83 -2.20
C VAL A 118 32.32 17.28 -3.46
N LEU A 119 33.02 18.40 -3.37
CA LEU A 119 33.80 18.94 -4.48
C LEU A 119 34.83 17.93 -4.97
N HIS A 120 35.45 17.22 -4.02
CA HIS A 120 36.43 16.20 -4.34
C HIS A 120 35.76 15.01 -5.01
N ASN A 121 34.58 14.65 -4.51
CA ASN A 121 33.82 13.52 -5.06
C ASN A 121 33.37 13.81 -6.49
N ILE A 122 33.19 15.09 -6.80
CA ILE A 122 32.78 15.50 -8.15
C ILE A 122 33.91 15.18 -9.14
N ASP A 123 35.15 15.31 -8.69
CA ASP A 123 36.29 15.01 -9.55
C ASP A 123 36.35 13.51 -9.82
N LEU A 124 36.08 12.72 -8.79
CA LEU A 124 36.09 11.26 -8.93
C LEU A 124 35.00 10.82 -9.92
N ALA A 125 33.80 11.34 -9.74
CA ALA A 125 32.69 11.01 -10.61
C ALA A 125 33.07 11.32 -12.05
N ALA A 126 33.72 12.47 -12.25
CA ALA A 126 34.16 12.87 -13.58
C ALA A 126 35.12 11.84 -14.15
N GLU A 127 36.04 11.35 -13.32
CA GLU A 127 36.99 10.34 -13.76
C GLU A 127 36.30 9.01 -14.00
N MET A 128 35.25 8.74 -13.22
CA MET A 128 34.50 7.51 -13.37
C MET A 128 33.62 7.56 -14.61
N GLY A 129 33.46 8.76 -15.16
CA GLY A 129 32.65 8.94 -16.34
C GLY A 129 31.17 9.02 -16.02
N ALA A 130 30.85 9.29 -14.76
CA ALA A 130 29.45 9.40 -14.33
C ALA A 130 28.78 10.56 -15.07
N GLU A 131 27.47 10.46 -15.19
CA GLU A 131 26.67 11.46 -15.88
C GLU A 131 25.79 12.22 -14.89
N THR A 132 25.53 11.58 -13.78
CA THR A 132 24.69 12.15 -12.71
C THR A 132 25.40 12.05 -11.35
N PHE A 133 25.28 13.12 -10.61
CA PHE A 133 25.83 13.21 -9.25
C PHE A 133 24.64 13.40 -8.31
N VAL A 134 24.31 12.33 -7.60
CA VAL A 134 23.16 12.36 -6.68
C VAL A 134 23.56 12.89 -5.30
N MET A 135 22.55 13.47 -4.65
CA MET A 135 22.69 14.06 -3.31
C MET A 135 21.46 13.74 -2.44
N TRP A 136 21.69 12.90 -1.44
CA TRP A 136 20.64 12.51 -0.46
C TRP A 136 20.99 13.07 0.92
N GLY A 137 20.41 14.21 1.18
CA GLY A 137 20.64 14.90 2.45
C GLY A 137 19.93 14.17 3.58
N GLY A 138 20.42 12.99 3.87
CA GLY A 138 19.85 12.12 4.92
C GLY A 138 19.87 12.79 6.30
N ARG A 139 20.95 13.52 6.59
CA ARG A 139 21.15 14.14 7.91
C ARG A 139 20.68 15.61 7.98
N GLU A 140 20.29 16.18 6.86
CA GLU A 140 19.82 17.58 6.83
C GLU A 140 18.37 17.66 7.32
N GLY A 141 18.19 17.98 8.59
CA GLY A 141 16.86 18.08 9.15
C GLY A 141 16.87 18.34 10.64
N SER A 142 15.86 17.84 11.35
CA SER A 142 15.78 18.06 12.80
C SER A 142 14.74 17.17 13.49
N GLU A 143 14.92 16.97 14.79
CA GLU A 143 13.98 16.18 15.59
C GLU A 143 13.08 17.15 16.33
N TYR A 144 13.60 18.37 16.56
CA TYR A 144 12.89 19.43 17.27
C TYR A 144 12.80 20.65 16.36
N ASP A 145 11.68 21.34 16.41
CA ASP A 145 11.46 22.51 15.55
C ASP A 145 12.37 23.70 15.81
N GLY A 146 12.74 23.92 17.07
CA GLY A 146 13.60 25.04 17.41
C GLY A 146 15.10 24.85 17.23
N SER A 147 15.52 23.69 16.71
CA SER A 147 16.93 23.40 16.51
C SER A 147 17.51 24.11 15.29
N LYS A 148 16.64 24.59 14.41
CA LYS A 148 17.09 25.25 13.19
C LYS A 148 16.30 26.50 12.81
N ASP A 149 17.06 27.42 12.21
CA ASP A 149 16.50 28.60 11.56
C ASP A 149 16.21 28.13 10.15
N LEU A 150 14.95 27.88 9.92
CA LEU A 150 14.51 27.27 8.68
C LEU A 150 14.92 28.02 7.41
N ALA A 151 14.97 29.34 7.50
CA ALA A 151 15.37 30.15 6.34
C ALA A 151 16.86 29.95 6.09
N ALA A 152 17.66 30.09 7.15
CA ALA A 152 19.10 29.94 7.07
C ALA A 152 19.47 28.57 6.51
N ALA A 153 18.76 27.54 6.98
CA ALA A 153 18.98 26.18 6.53
C ALA A 153 18.85 26.06 5.01
N LEU A 154 17.79 26.64 4.46
CA LEU A 154 17.58 26.61 3.02
C LEU A 154 18.64 27.42 2.28
N ASP A 155 19.19 28.43 2.94
CA ASP A 155 20.26 29.25 2.37
C ASP A 155 21.57 28.46 2.28
N ARG A 156 21.89 27.79 3.37
CA ARG A 156 23.11 26.97 3.46
C ARG A 156 23.03 25.81 2.46
N MET A 157 21.82 25.29 2.31
CA MET A 157 21.55 24.19 1.38
C MET A 157 21.81 24.65 -0.05
N ARG A 158 21.28 25.83 -0.35
CA ARG A 158 21.44 26.43 -1.69
C ARG A 158 22.91 26.75 -1.96
N GLU A 159 23.58 27.22 -0.93
CA GLU A 159 25.00 27.60 -1.03
C GLU A 159 25.84 26.39 -1.48
N GLY A 160 25.60 25.27 -0.83
CA GLY A 160 26.33 24.02 -1.10
C GLY A 160 26.14 23.53 -2.56
N VAL A 161 24.89 23.40 -2.98
CA VAL A 161 24.52 22.90 -4.33
C VAL A 161 25.03 23.90 -5.36
N ASP A 162 24.63 25.13 -5.12
CA ASP A 162 24.96 26.28 -5.95
C ASP A 162 26.42 26.67 -5.76
N THR A 163 27.16 25.74 -5.19
CA THR A 163 28.62 25.85 -5.01
C THR A 163 29.22 24.74 -5.88
N ALA A 164 28.61 23.58 -5.69
CA ALA A 164 28.95 22.35 -6.40
C ALA A 164 28.67 22.49 -7.90
N ALA A 165 27.49 23.00 -8.21
CA ALA A 165 27.05 23.18 -9.62
C ALA A 165 27.96 24.16 -10.36
N GLY A 166 28.38 25.22 -9.68
CA GLY A 166 29.27 26.19 -10.29
C GLY A 166 30.60 25.56 -10.61
N TYR A 167 31.05 24.68 -9.71
CA TYR A 167 32.31 23.97 -9.85
C TYR A 167 32.26 23.08 -11.08
N ILE A 168 31.15 22.35 -11.22
CA ILE A 168 30.96 21.46 -12.36
C ILE A 168 31.09 22.28 -13.64
N LYS A 169 30.40 23.43 -13.68
CA LYS A 169 30.44 24.31 -14.83
C LYS A 169 31.84 24.81 -15.16
N ASP A 170 32.56 25.28 -14.13
CA ASP A 170 33.92 25.79 -14.31
C ASP A 170 34.90 24.74 -14.82
N LYS A 171 34.72 23.51 -14.36
CA LYS A 171 35.56 22.39 -14.78
C LYS A 171 35.15 21.84 -16.14
N GLY A 172 33.92 22.15 -16.54
CA GLY A 172 33.42 21.67 -17.82
C GLY A 172 33.06 20.20 -17.78
N TYR A 173 32.65 19.71 -16.60
CA TYR A 173 32.28 18.31 -16.45
C TYR A 173 30.91 18.02 -17.04
N ASN A 174 30.78 16.86 -17.69
CA ASN A 174 29.49 16.43 -18.25
C ASN A 174 28.72 15.79 -17.09
N LEU A 175 28.34 16.61 -16.12
CA LEU A 175 27.62 16.15 -14.94
C LEU A 175 26.41 17.02 -14.66
N ARG A 176 25.46 16.40 -14.00
CA ARG A 176 24.23 17.04 -13.57
C ARG A 176 23.92 16.54 -12.17
N ILE A 177 23.57 17.47 -11.31
CA ILE A 177 23.24 17.13 -9.93
C ILE A 177 21.77 16.75 -9.85
N ALA A 178 21.51 15.75 -9.05
CA ALA A 178 20.15 15.24 -8.84
C ALA A 178 19.95 15.02 -7.32
N LEU A 179 18.96 15.69 -6.77
CA LEU A 179 18.64 15.62 -5.33
C LEU A 179 17.73 14.40 -5.03
N GLU A 180 18.06 13.69 -3.94
CA GLU A 180 17.32 12.48 -3.49
C GLU A 180 16.42 12.80 -2.27
N PRO A 181 15.25 13.42 -2.48
CA PRO A 181 14.33 13.79 -1.38
C PRO A 181 13.78 12.62 -0.59
N LYS A 182 13.60 12.88 0.69
CA LYS A 182 13.06 11.92 1.68
C LYS A 182 12.35 12.65 2.81
N PRO A 183 11.16 12.19 3.23
CA PRO A 183 10.40 12.85 4.29
C PRO A 183 11.18 12.84 5.59
N ASN A 184 11.68 11.65 5.99
CA ASN A 184 12.44 11.50 7.27
C ASN A 184 13.32 10.23 7.33
N GLU A 185 14.09 10.19 8.43
CA GLU A 185 15.05 9.11 8.79
C GLU A 185 16.37 9.27 8.02
N PRO A 186 17.56 9.15 8.66
CA PRO A 186 17.67 8.90 10.10
C PRO A 186 17.12 10.04 10.93
N ARG A 187 16.70 11.11 10.25
CA ARG A 187 16.17 12.32 10.91
C ARG A 187 14.65 12.25 11.09
N GLY A 188 14.17 13.08 12.01
CA GLY A 188 12.73 13.18 12.34
C GLY A 188 11.99 13.88 11.21
N ASP A 189 12.62 14.94 10.73
CA ASP A 189 12.13 15.77 9.62
C ASP A 189 13.33 16.19 8.78
N ILE A 190 13.34 15.72 7.56
CA ILE A 190 14.41 16.03 6.63
C ILE A 190 13.99 17.17 5.71
N PHE A 191 14.89 18.11 5.48
CA PHE A 191 14.62 19.26 4.62
C PHE A 191 14.32 18.80 3.19
N LEU A 192 13.39 19.49 2.52
CA LEU A 192 12.98 19.14 1.15
C LEU A 192 12.53 17.67 1.21
N PRO A 193 11.48 17.40 1.98
CA PRO A 193 10.92 16.06 2.18
C PRO A 193 10.33 15.31 1.00
N THR A 194 9.89 16.02 -0.05
CA THR A 194 9.28 15.33 -1.18
C THR A 194 9.67 15.94 -2.51
N VAL A 195 9.35 15.23 -3.59
CA VAL A 195 9.61 15.67 -4.96
C VAL A 195 9.27 17.15 -5.17
N GLY A 196 8.05 17.53 -4.80
CA GLY A 196 7.63 18.91 -4.94
C GLY A 196 8.56 19.91 -4.26
N HIS A 197 8.93 19.64 -3.02
CA HIS A 197 9.82 20.54 -2.28
C HIS A 197 11.16 20.63 -2.99
N GLY A 198 11.58 19.51 -3.57
CA GLY A 198 12.83 19.45 -4.29
C GLY A 198 12.77 20.30 -5.55
N LEU A 199 11.69 20.14 -6.34
CA LEU A 199 11.51 20.91 -7.57
C LEU A 199 11.45 22.42 -7.31
N ALA A 200 10.68 22.80 -6.30
CA ALA A 200 10.52 24.21 -5.93
C ALA A 200 11.87 24.80 -5.52
N PHE A 201 12.61 24.06 -4.69
CA PHE A 201 13.91 24.49 -4.21
C PHE A 201 14.84 24.79 -5.38
N ILE A 202 14.80 23.91 -6.38
CA ILE A 202 15.64 24.04 -7.58
C ILE A 202 15.42 25.38 -8.30
N GLU A 203 14.20 25.92 -8.19
CA GLU A 203 13.87 27.19 -8.82
C GLU A 203 14.50 28.40 -8.13
N GLN A 204 15.04 28.21 -6.94
CA GLN A 204 15.68 29.29 -6.20
C GLN A 204 17.20 29.28 -6.40
N LEU A 205 17.68 28.29 -7.15
CA LEU A 205 19.11 28.13 -7.39
C LEU A 205 19.60 28.94 -8.59
N GLU A 206 20.82 29.44 -8.48
CA GLU A 206 21.44 30.21 -9.54
C GLU A 206 21.85 29.30 -10.71
N HIS A 207 22.21 28.05 -10.40
CA HIS A 207 22.64 27.10 -11.42
C HIS A 207 21.62 25.98 -11.56
N GLY A 208 20.35 26.33 -11.44
CA GLY A 208 19.28 25.35 -11.52
C GLY A 208 19.20 24.63 -12.86
N ASP A 209 19.83 25.18 -13.88
CA ASP A 209 19.78 24.55 -15.19
C ASP A 209 20.39 23.16 -15.23
N ILE A 210 21.31 22.86 -14.30
CA ILE A 210 21.93 21.54 -14.27
C ILE A 210 21.59 20.72 -13.02
N VAL A 211 20.56 21.14 -12.33
CA VAL A 211 20.08 20.41 -11.13
C VAL A 211 18.67 19.90 -11.36
N GLY A 212 18.49 18.63 -11.05
CA GLY A 212 17.20 17.95 -11.21
C GLY A 212 16.91 17.08 -10.00
N LEU A 213 16.04 16.11 -10.19
CA LEU A 213 15.65 15.19 -9.10
C LEU A 213 16.06 13.74 -9.40
N ASN A 214 16.02 12.99 -8.33
CA ASN A 214 16.30 11.55 -8.31
C ASN A 214 15.33 10.91 -7.31
N PRO A 215 14.04 10.91 -7.66
CA PRO A 215 12.97 10.37 -6.81
C PRO A 215 13.11 8.89 -6.51
N GLU A 216 12.44 8.53 -5.43
CA GLU A 216 12.46 7.16 -4.94
C GLU A 216 11.07 6.70 -4.53
N THR A 217 10.80 5.51 -4.97
CA THR A 217 9.52 4.90 -4.72
C THR A 217 9.19 4.95 -3.23
N GLY A 218 10.04 4.31 -2.45
CA GLY A 218 9.85 4.20 -0.99
C GLY A 218 9.81 5.56 -0.27
N HIS A 219 10.54 6.52 -0.79
CA HIS A 219 10.64 7.86 -0.15
C HIS A 219 9.31 8.61 -0.23
N GLU A 220 8.72 8.65 -1.42
CA GLU A 220 7.43 9.35 -1.62
C GLU A 220 6.33 8.63 -0.88
N GLN A 221 6.42 7.30 -0.86
CA GLN A 221 5.43 6.47 -0.19
C GLN A 221 5.45 6.58 1.34
N MET A 222 6.59 6.98 1.90
CA MET A 222 6.71 7.15 3.34
C MET A 222 5.93 8.39 3.75
N ALA A 223 5.65 9.24 2.77
CA ALA A 223 4.87 10.45 2.98
C ALA A 223 3.41 10.18 2.57
N GLY A 224 3.14 8.93 2.16
CA GLY A 224 1.80 8.57 1.75
C GLY A 224 1.38 9.11 0.39
N LEU A 225 2.34 9.65 -0.36
CA LEU A 225 2.05 10.21 -1.69
C LEU A 225 2.10 9.17 -2.81
N ASN A 226 1.58 9.56 -3.97
CA ASN A 226 1.56 8.68 -5.14
C ASN A 226 2.84 8.89 -5.96
N PHE A 227 3.69 7.87 -6.00
CA PHE A 227 4.96 7.96 -6.72
C PHE A 227 4.82 8.28 -8.21
N THR A 228 3.93 7.57 -8.89
CA THR A 228 3.70 7.79 -10.32
C THR A 228 3.35 9.27 -10.56
N HIS A 229 2.48 9.81 -9.70
CA HIS A 229 2.09 11.22 -9.81
C HIS A 229 3.30 12.13 -9.58
N GLY A 230 4.17 11.75 -8.64
CA GLY A 230 5.36 12.55 -8.35
C GLY A 230 6.31 12.64 -9.52
N ILE A 231 6.71 11.50 -10.04
CA ILE A 231 7.66 11.48 -11.17
C ILE A 231 7.03 12.14 -12.39
N ALA A 232 5.72 12.03 -12.48
CA ALA A 232 4.97 12.62 -13.59
C ALA A 232 5.17 14.15 -13.59
N GLN A 233 5.07 14.74 -12.41
CA GLN A 233 5.26 16.19 -12.27
C GLN A 233 6.72 16.58 -12.52
N ALA A 234 7.61 15.67 -12.14
CA ALA A 234 9.06 15.87 -12.33
C ALA A 234 9.41 15.79 -13.83
N LEU A 235 8.72 14.88 -14.51
CA LEU A 235 8.91 14.68 -15.96
C LEU A 235 8.39 15.92 -16.70
N TRP A 236 7.20 16.33 -16.28
CA TRP A 236 6.49 17.49 -16.84
C TRP A 236 7.36 18.75 -16.75
N ALA A 237 8.05 18.87 -15.62
CA ALA A 237 8.93 20.02 -15.35
C ALA A 237 10.32 19.82 -15.98
N GLU A 238 10.48 18.65 -16.56
CA GLU A 238 11.73 18.23 -17.24
C GLU A 238 12.90 18.24 -16.27
N LYS A 239 12.66 17.67 -15.10
CA LYS A 239 13.67 17.62 -14.03
C LYS A 239 13.91 16.18 -13.54
N LEU A 240 13.48 15.21 -14.32
CA LEU A 240 13.68 13.78 -13.97
C LEU A 240 15.03 13.31 -14.51
N PHE A 241 16.09 13.67 -13.80
CA PHE A 241 17.45 13.31 -14.18
C PHE A 241 17.84 11.87 -13.89
N HIS A 242 17.31 11.31 -12.82
CA HIS A 242 17.63 9.94 -12.44
C HIS A 242 16.45 9.40 -11.62
N ILE A 243 16.53 8.12 -11.24
CA ILE A 243 15.46 7.51 -10.46
C ILE A 243 15.94 6.29 -9.66
N ASP A 244 15.43 6.17 -8.44
CA ASP A 244 15.75 5.07 -7.54
C ASP A 244 14.51 4.23 -7.38
N LEU A 245 14.59 2.97 -7.79
CA LEU A 245 13.46 2.06 -7.72
C LEU A 245 13.60 1.05 -6.60
N ASN A 246 12.53 0.88 -5.83
CA ASN A 246 12.50 -0.07 -4.73
C ASN A 246 11.08 -0.33 -4.25
N GLY A 247 10.94 -1.10 -3.17
CA GLY A 247 9.62 -1.41 -2.64
C GLY A 247 9.44 -0.92 -1.21
N GLN A 248 8.23 -0.45 -0.91
CA GLN A 248 7.88 0.05 0.40
C GLN A 248 6.47 -0.40 0.66
N ARG A 249 6.23 -0.99 1.82
CA ARG A 249 4.89 -1.45 2.16
C ARG A 249 4.28 -0.60 3.27
N GLY A 250 3.99 0.66 2.96
CA GLY A 250 3.37 1.55 3.92
C GLY A 250 4.27 2.64 4.49
N ILE A 251 3.59 3.47 5.27
CA ILE A 251 4.19 4.60 5.99
C ILE A 251 4.81 4.09 7.28
N LYS A 252 6.08 3.79 7.16
CA LYS A 252 6.90 3.28 8.25
C LYS A 252 8.36 3.52 7.89
N TYR A 253 9.24 2.80 8.56
CA TYR A 253 10.68 2.89 8.31
C TYR A 253 10.97 2.45 6.87
N GLU A 254 12.12 2.88 6.38
CA GLU A 254 12.53 2.56 5.01
C GLU A 254 12.93 1.10 4.89
N GLN A 255 12.04 0.37 4.27
CA GLN A 255 12.19 -1.06 4.05
C GLN A 255 13.17 -1.32 2.92
N GLU A 256 13.05 -0.52 1.87
CA GLU A 256 13.91 -0.62 0.68
C GLU A 256 13.91 -2.07 0.15
N LEU A 257 12.70 -2.55 -0.10
CA LEU A 257 12.46 -3.90 -0.63
C LEU A 257 12.74 -3.90 -2.14
N VAL A 258 12.71 -5.09 -2.69
CA VAL A 258 12.89 -5.27 -4.14
C VAL A 258 11.75 -4.54 -4.85
N PHE A 259 12.08 -3.91 -5.96
CA PHE A 259 11.07 -3.19 -6.74
C PHE A 259 9.95 -4.17 -7.12
N GLY A 260 8.73 -3.77 -6.83
CA GLY A 260 7.56 -4.59 -7.13
C GLY A 260 7.14 -5.40 -5.91
N HIS A 261 7.98 -5.41 -4.88
CA HIS A 261 7.70 -6.14 -3.65
C HIS A 261 6.96 -5.30 -2.60
N GLY A 262 6.67 -4.06 -2.96
CA GLY A 262 5.94 -3.16 -2.09
C GLY A 262 4.55 -3.00 -2.68
N ASP A 263 4.23 -1.80 -3.16
CA ASP A 263 2.94 -1.51 -3.76
C ASP A 263 2.99 -1.98 -5.20
N LEU A 264 2.41 -3.15 -5.46
CA LEU A 264 2.42 -3.75 -6.79
C LEU A 264 1.73 -2.96 -7.91
N THR A 265 0.48 -2.54 -7.69
CA THR A 265 -0.25 -1.79 -8.70
C THR A 265 0.44 -0.46 -9.02
N SER A 266 0.98 0.19 -8.00
CA SER A 266 1.69 1.46 -8.18
C SER A 266 2.91 1.20 -9.05
N ALA A 267 3.65 0.12 -8.74
CA ALA A 267 4.84 -0.25 -9.49
C ALA A 267 4.50 -0.43 -10.96
N PHE A 268 3.40 -1.14 -11.22
CA PHE A 268 2.93 -1.39 -12.58
C PHE A 268 2.74 -0.08 -13.33
N PHE A 269 2.05 0.87 -12.71
CA PHE A 269 1.80 2.17 -13.32
C PHE A 269 3.02 3.06 -13.45
N THR A 270 3.99 2.86 -12.58
CA THR A 270 5.24 3.61 -12.63
C THR A 270 5.98 3.20 -13.89
N VAL A 271 6.10 1.89 -14.10
CA VAL A 271 6.77 1.35 -15.28
C VAL A 271 6.01 1.75 -16.54
N ASP A 272 4.68 1.73 -16.45
CA ASP A 272 3.82 2.13 -17.56
C ASP A 272 4.21 3.54 -18.02
N LEU A 273 4.39 4.44 -17.06
CA LEU A 273 4.80 5.81 -17.36
C LEU A 273 6.22 5.85 -17.93
N LEU A 274 7.13 5.12 -17.31
CA LEU A 274 8.53 5.10 -17.76
C LEU A 274 8.68 4.57 -19.18
N GLU A 275 7.94 3.50 -19.49
CA GLU A 275 7.99 2.86 -20.80
C GLU A 275 7.06 3.46 -21.84
N ASN A 276 5.81 3.66 -21.48
CA ASN A 276 4.84 4.19 -22.41
C ASN A 276 4.76 5.72 -22.46
N GLY A 277 5.24 6.40 -21.43
CA GLY A 277 5.17 7.85 -21.42
C GLY A 277 3.74 8.28 -21.21
N PHE A 278 3.39 9.48 -21.67
CA PHE A 278 2.03 9.99 -21.52
C PHE A 278 1.14 9.72 -22.75
N PRO A 279 -0.12 9.32 -22.52
CA PRO A 279 -1.11 8.99 -23.56
C PRO A 279 -1.26 10.03 -24.68
N ASN A 280 -1.32 11.30 -24.31
CA ASN A 280 -1.48 12.36 -25.30
C ASN A 280 -0.14 12.88 -25.80
N GLY A 281 0.91 12.09 -25.57
CA GLY A 281 2.24 12.48 -26.00
C GLY A 281 2.97 13.21 -24.89
N GLY A 282 4.22 13.60 -25.17
CA GLY A 282 5.00 14.30 -24.18
C GLY A 282 6.36 13.66 -24.01
N PRO A 283 7.18 14.12 -23.04
CA PRO A 283 8.53 13.57 -22.79
C PRO A 283 8.53 12.21 -22.12
N LYS A 284 9.65 11.51 -22.25
CA LYS A 284 9.83 10.20 -21.67
C LYS A 284 11.16 10.16 -20.94
N TYR A 285 11.27 9.31 -19.93
CA TYR A 285 12.51 9.18 -19.17
C TYR A 285 13.49 8.26 -19.90
N THR A 286 14.68 8.77 -20.19
CA THR A 286 15.73 8.01 -20.88
C THR A 286 16.82 7.49 -19.94
N GLY A 287 16.92 8.08 -18.75
CA GLY A 287 17.94 7.66 -17.79
C GLY A 287 17.94 6.18 -17.39
N PRO A 288 18.89 5.77 -16.54
CA PRO A 288 19.04 4.40 -16.06
C PRO A 288 17.95 3.96 -15.10
N ARG A 289 17.64 2.67 -15.11
CA ARG A 289 16.65 2.11 -14.19
C ARG A 289 17.48 1.60 -13.02
N HIS A 290 17.76 2.50 -12.09
CA HIS A 290 18.58 2.21 -10.93
C HIS A 290 17.80 1.64 -9.77
N PHE A 291 18.26 0.53 -9.22
CA PHE A 291 17.59 -0.11 -8.09
C PHE A 291 18.33 0.25 -6.81
N ASP A 292 17.61 0.82 -5.85
CA ASP A 292 18.20 1.19 -4.57
C ASP A 292 17.41 0.52 -3.45
N TYR A 293 17.77 -0.73 -3.19
CA TYR A 293 17.13 -1.57 -2.20
C TYR A 293 18.19 -2.25 -1.30
N LYS A 294 17.75 -3.19 -0.48
CA LYS A 294 18.62 -3.95 0.42
C LYS A 294 18.10 -5.38 0.57
N PRO A 295 18.99 -6.38 0.37
CA PRO A 295 18.55 -7.77 0.51
C PRO A 295 18.25 -8.00 1.98
N SER A 296 17.03 -8.44 2.30
CA SER A 296 16.62 -8.69 3.68
C SER A 296 17.69 -9.45 4.46
N ARG A 297 18.01 -8.95 5.66
CA ARG A 297 19.04 -9.55 6.52
C ARG A 297 18.81 -11.01 6.94
N THR A 298 17.64 -11.56 6.66
CA THR A 298 17.33 -12.95 7.00
C THR A 298 17.98 -13.92 5.99
N ASP A 299 18.30 -13.37 4.82
CA ASP A 299 18.88 -14.15 3.74
C ASP A 299 20.41 -14.09 3.63
N GLY A 300 20.98 -15.16 3.09
CA GLY A 300 22.41 -15.24 2.89
C GLY A 300 22.79 -14.66 1.53
N TYR A 301 24.05 -14.87 1.13
CA TYR A 301 24.49 -14.35 -0.15
C TYR A 301 23.74 -14.84 -1.36
N ASP A 302 23.23 -16.06 -1.33
CA ASP A 302 22.45 -16.55 -2.47
C ASP A 302 21.22 -15.66 -2.61
N GLY A 303 20.63 -15.32 -1.46
CA GLY A 303 19.46 -14.47 -1.44
C GLY A 303 19.81 -13.11 -2.01
N VAL A 304 21.01 -12.64 -1.70
CA VAL A 304 21.48 -11.35 -2.18
C VAL A 304 21.45 -11.33 -3.71
N TRP A 305 22.06 -12.34 -4.32
CA TRP A 305 22.09 -12.41 -5.76
C TRP A 305 20.72 -12.65 -6.36
N ASP A 306 19.86 -13.31 -5.60
CA ASP A 306 18.50 -13.57 -6.05
C ASP A 306 17.70 -12.27 -6.08
N SER A 307 17.90 -11.43 -5.07
CA SER A 307 17.19 -10.15 -5.01
C SER A 307 17.63 -9.24 -6.16
N ALA A 308 18.90 -9.33 -6.53
CA ALA A 308 19.42 -8.54 -7.63
C ALA A 308 18.67 -8.95 -8.90
N LYS A 309 18.52 -10.26 -9.11
CA LYS A 309 17.80 -10.78 -10.27
C LYS A 309 16.32 -10.35 -10.21
N ALA A 310 15.72 -10.52 -9.03
CA ALA A 310 14.32 -10.18 -8.79
C ALA A 310 13.95 -8.77 -9.25
N ASN A 311 14.79 -7.80 -8.93
CA ASN A 311 14.52 -6.42 -9.32
C ASN A 311 14.37 -6.30 -10.82
N MET A 312 15.30 -6.90 -11.56
CA MET A 312 15.27 -6.86 -13.00
C MET A 312 14.10 -7.65 -13.57
N SER A 313 13.80 -8.80 -12.97
CA SER A 313 12.68 -9.64 -13.41
C SER A 313 11.37 -8.89 -13.22
N MET A 314 11.19 -8.32 -12.02
CA MET A 314 9.99 -7.57 -11.70
C MET A 314 9.75 -6.48 -12.73
N TYR A 315 10.79 -5.71 -13.03
CA TYR A 315 10.67 -4.64 -14.00
C TYR A 315 10.29 -5.16 -15.38
N LEU A 316 11.00 -6.19 -15.85
CA LEU A 316 10.74 -6.79 -17.15
C LEU A 316 9.35 -7.41 -17.27
N LEU A 317 8.87 -7.98 -16.17
CA LEU A 317 7.54 -8.59 -16.15
C LEU A 317 6.47 -7.49 -16.20
N LEU A 318 6.66 -6.46 -15.39
CA LEU A 318 5.73 -5.33 -15.33
C LEU A 318 5.69 -4.62 -16.67
N LYS A 319 6.86 -4.55 -17.31
CA LYS A 319 7.01 -3.90 -18.61
C LYS A 319 6.15 -4.57 -19.67
N GLU A 320 6.23 -5.89 -19.75
CA GLU A 320 5.45 -6.65 -20.72
C GLU A 320 3.98 -6.35 -20.54
N ARG A 321 3.53 -6.43 -19.30
CA ARG A 321 2.14 -6.18 -18.97
C ARG A 321 1.71 -4.74 -19.25
N ALA A 322 2.64 -3.80 -19.09
CA ALA A 322 2.35 -2.39 -19.35
C ALA A 322 2.15 -2.14 -20.85
N LEU A 323 3.00 -2.75 -21.67
CA LEU A 323 2.92 -2.60 -23.12
C LEU A 323 1.66 -3.25 -23.68
N ALA A 324 1.39 -4.47 -23.22
CA ALA A 324 0.22 -5.21 -23.65
C ALA A 324 -1.04 -4.44 -23.21
N PHE A 325 -0.96 -3.87 -22.01
CA PHE A 325 -2.05 -3.08 -21.44
C PHE A 325 -2.46 -2.00 -22.43
N ARG A 326 -1.51 -1.17 -22.82
CA ARG A 326 -1.78 -0.08 -23.75
C ARG A 326 -2.08 -0.55 -25.18
N ALA A 327 -1.56 -1.70 -25.57
CA ALA A 327 -1.78 -2.23 -26.91
C ALA A 327 -3.18 -2.79 -27.10
N ASP A 328 -3.82 -3.16 -26.00
CA ASP A 328 -5.16 -3.73 -26.01
C ASP A 328 -6.17 -2.73 -26.58
N PRO A 329 -6.89 -3.13 -27.65
CA PRO A 329 -7.90 -2.27 -28.28
C PRO A 329 -9.00 -1.89 -27.28
N GLU A 330 -9.39 -2.84 -26.44
CA GLU A 330 -10.40 -2.60 -25.42
C GLU A 330 -9.96 -1.53 -24.45
N VAL A 331 -8.67 -1.50 -24.15
CA VAL A 331 -8.12 -0.51 -23.25
C VAL A 331 -8.14 0.87 -23.94
N GLN A 332 -7.93 0.87 -25.25
CA GLN A 332 -7.96 2.11 -26.02
C GLN A 332 -9.35 2.74 -26.04
N GLU A 333 -10.37 1.91 -26.23
CA GLU A 333 -11.73 2.42 -26.23
C GLU A 333 -12.14 2.82 -24.82
N ALA A 334 -11.68 2.08 -23.82
CA ALA A 334 -12.00 2.39 -22.43
C ALA A 334 -11.39 3.74 -22.09
N MET A 335 -10.19 3.99 -22.62
CA MET A 335 -9.50 5.26 -22.39
C MET A 335 -10.27 6.39 -23.06
N LYS A 336 -10.81 6.12 -24.25
CA LYS A 336 -11.59 7.12 -24.96
C LYS A 336 -12.83 7.50 -24.15
N THR A 337 -13.58 6.49 -23.74
CA THR A 337 -14.81 6.69 -22.95
C THR A 337 -14.59 7.47 -21.66
N SER A 338 -13.48 7.22 -20.97
CA SER A 338 -13.16 7.91 -19.73
C SER A 338 -12.69 9.37 -19.97
N GLY A 339 -12.41 9.69 -21.23
CA GLY A 339 -11.97 11.03 -21.58
C GLY A 339 -10.49 11.28 -21.40
N VAL A 340 -9.69 10.21 -21.35
CA VAL A 340 -8.24 10.33 -21.18
C VAL A 340 -7.59 11.24 -22.25
N PHE A 341 -8.04 11.08 -23.49
CA PHE A 341 -7.52 11.88 -24.59
C PHE A 341 -8.21 13.25 -24.62
N GLU A 342 -9.43 13.30 -24.10
CA GLU A 342 -10.19 14.54 -24.07
C GLU A 342 -9.50 15.54 -23.15
N LEU A 343 -8.85 15.04 -22.11
CA LEU A 343 -8.12 15.88 -21.18
C LEU A 343 -6.98 16.58 -21.89
N GLY A 344 -6.52 15.96 -22.99
CA GLY A 344 -5.43 16.52 -23.77
C GLY A 344 -5.86 17.69 -24.62
N GLU A 345 -7.15 18.00 -24.60
CA GLU A 345 -7.68 19.13 -25.35
C GLU A 345 -7.64 20.38 -24.48
N THR A 346 -7.23 21.51 -25.06
CA THR A 346 -7.18 22.75 -24.31
C THR A 346 -8.60 23.20 -23.95
N THR A 347 -8.75 23.73 -22.75
CA THR A 347 -10.04 24.21 -22.28
C THR A 347 -10.55 25.34 -23.19
N LEU A 348 -9.70 26.34 -23.36
CA LEU A 348 -10.04 27.48 -24.21
C LEU A 348 -9.90 27.10 -25.67
N ASN A 349 -10.63 27.80 -26.52
CA ASN A 349 -10.57 27.57 -27.95
C ASN A 349 -9.38 28.35 -28.52
N ALA A 350 -9.00 28.00 -29.75
CA ALA A 350 -7.88 28.67 -30.42
C ALA A 350 -8.15 30.17 -30.48
N GLY A 351 -7.26 30.94 -29.86
CA GLY A 351 -7.39 32.38 -29.84
C GLY A 351 -8.49 32.93 -28.94
N GLU A 352 -9.06 32.08 -28.09
CA GLU A 352 -10.12 32.54 -27.19
C GLU A 352 -9.53 33.17 -25.93
N SER A 353 -10.16 34.22 -25.45
CA SER A 353 -9.70 34.91 -24.25
C SER A 353 -10.62 34.62 -23.09
N ALA A 354 -10.23 35.10 -21.91
CA ALA A 354 -11.00 34.93 -20.68
C ALA A 354 -12.37 35.61 -20.86
N ALA A 355 -12.36 36.83 -21.40
CA ALA A 355 -13.59 37.58 -21.63
C ALA A 355 -14.54 36.84 -22.55
N ASP A 356 -14.04 36.31 -23.65
CA ASP A 356 -14.87 35.56 -24.59
C ASP A 356 -15.55 34.41 -23.87
N LEU A 357 -14.74 33.61 -23.16
CA LEU A 357 -15.26 32.48 -22.41
C LEU A 357 -16.35 32.93 -21.45
N MET A 358 -16.07 33.97 -20.68
CA MET A 358 -17.00 34.50 -19.71
C MET A 358 -18.36 34.79 -20.31
N ASN A 359 -18.34 35.48 -21.46
CA ASN A 359 -19.57 35.86 -22.15
C ASN A 359 -20.10 34.82 -23.14
N ASP A 360 -19.64 33.57 -23.00
CA ASP A 360 -20.14 32.50 -23.85
C ASP A 360 -21.25 31.84 -23.03
N SER A 361 -22.49 32.16 -23.36
CA SER A 361 -23.66 31.61 -22.65
C SER A 361 -23.67 30.07 -22.59
N ALA A 362 -23.35 29.42 -23.70
CA ALA A 362 -23.34 27.97 -23.77
C ALA A 362 -22.36 27.35 -22.76
N SER A 363 -21.33 28.10 -22.41
CA SER A 363 -20.32 27.63 -21.48
C SER A 363 -20.59 27.99 -20.02
N PHE A 364 -21.53 28.90 -19.77
CA PHE A 364 -21.83 29.30 -18.40
C PHE A 364 -23.29 29.58 -18.10
N ALA A 365 -23.78 30.71 -18.60
CA ALA A 365 -25.16 31.15 -18.37
C ALA A 365 -26.23 30.12 -18.75
N GLY A 366 -26.15 29.62 -19.98
CA GLY A 366 -27.12 28.63 -20.43
C GLY A 366 -26.54 27.23 -20.37
N PHE A 367 -25.48 27.03 -19.58
CA PHE A 367 -24.86 25.71 -19.46
C PHE A 367 -25.67 24.76 -18.57
N ASP A 368 -25.87 23.55 -19.07
CA ASP A 368 -26.63 22.54 -18.35
C ASP A 368 -25.73 21.64 -17.51
N ALA A 369 -25.32 22.16 -16.36
CA ALA A 369 -24.45 21.43 -15.44
C ALA A 369 -25.09 20.13 -14.94
N GLU A 370 -26.42 20.09 -14.97
CA GLU A 370 -27.17 18.91 -14.52
C GLU A 370 -26.99 17.73 -15.47
N ALA A 371 -27.22 17.96 -16.76
CA ALA A 371 -27.06 16.91 -17.74
C ALA A 371 -25.59 16.52 -17.84
N ALA A 372 -24.72 17.53 -17.79
CA ALA A 372 -23.29 17.32 -17.86
C ALA A 372 -22.81 16.39 -16.74
N ALA A 373 -23.40 16.55 -15.56
CA ALA A 373 -23.05 15.76 -14.40
C ALA A 373 -23.41 14.27 -14.54
N GLU A 374 -24.23 13.93 -15.52
CA GLU A 374 -24.63 12.55 -15.71
C GLU A 374 -23.64 11.64 -16.45
N ARG A 375 -22.55 12.22 -16.96
CA ARG A 375 -21.56 11.43 -17.70
C ARG A 375 -20.96 10.29 -16.88
N ASN A 376 -20.92 9.10 -17.46
CA ASN A 376 -20.32 7.96 -16.79
C ASN A 376 -18.87 7.91 -17.26
N PHE A 377 -17.96 8.35 -16.41
CA PHE A 377 -16.54 8.36 -16.75
C PHE A 377 -15.95 6.95 -16.85
N ALA A 378 -16.65 5.98 -16.25
CA ALA A 378 -16.24 4.57 -16.26
C ALA A 378 -14.79 4.32 -15.81
N PHE A 379 -14.36 5.06 -14.79
CA PHE A 379 -13.02 4.92 -14.25
C PHE A 379 -12.75 3.58 -13.58
N ILE A 380 -13.79 2.96 -13.03
CA ILE A 380 -13.66 1.66 -12.37
C ILE A 380 -13.35 0.57 -13.39
N ARG A 381 -14.10 0.54 -14.50
CA ARG A 381 -13.88 -0.47 -15.53
C ARG A 381 -12.48 -0.36 -16.13
N LEU A 382 -12.02 0.87 -16.33
CA LEU A 382 -10.69 1.10 -16.87
C LEU A 382 -9.64 0.51 -15.93
N ASN A 383 -9.87 0.66 -14.63
CA ASN A 383 -8.94 0.15 -13.63
C ASN A 383 -8.97 -1.38 -13.58
N GLN A 384 -10.14 -1.95 -13.83
CA GLN A 384 -10.29 -3.40 -13.82
C GLN A 384 -9.50 -4.00 -14.99
N LEU A 385 -9.55 -3.35 -16.15
CA LEU A 385 -8.82 -3.79 -17.33
C LEU A 385 -7.30 -3.70 -17.08
N ALA A 386 -6.91 -2.65 -16.35
CA ALA A 386 -5.51 -2.42 -16.00
C ALA A 386 -5.01 -3.57 -15.15
N ILE A 387 -5.74 -3.87 -14.08
CA ILE A 387 -5.38 -4.94 -13.16
C ILE A 387 -5.39 -6.32 -13.82
N GLU A 388 -6.36 -6.56 -14.70
CA GLU A 388 -6.43 -7.86 -15.38
C GLU A 388 -5.22 -8.10 -16.24
N HIS A 389 -4.66 -7.03 -16.81
CA HIS A 389 -3.46 -7.15 -17.62
C HIS A 389 -2.26 -7.46 -16.76
N LEU A 390 -2.22 -6.84 -15.57
CA LEU A 390 -1.15 -7.03 -14.61
C LEU A 390 -1.13 -8.47 -14.12
N LEU A 391 -2.31 -9.07 -13.99
CA LEU A 391 -2.43 -10.45 -13.52
C LEU A 391 -2.21 -11.49 -14.62
N GLY A 392 -2.04 -11.03 -15.85
CA GLY A 392 -1.86 -11.94 -16.95
C GLY A 392 -3.17 -12.65 -17.27
N SER A 393 -4.29 -11.95 -17.09
CA SER A 393 -5.60 -12.52 -17.37
C SER A 393 -6.01 -12.19 -18.80
N ARG A 394 -5.27 -11.27 -19.40
CA ARG A 394 -5.51 -10.82 -20.76
C ARG A 394 -4.26 -10.10 -21.21
N VAL B 2 -13.27 -16.14 -15.75
CA VAL B 2 -13.87 -16.56 -14.46
C VAL B 2 -15.30 -15.99 -14.35
N GLN B 3 -16.25 -16.89 -14.17
CA GLN B 3 -17.68 -16.54 -14.05
C GLN B 3 -18.22 -16.99 -12.69
N PRO B 4 -18.59 -16.06 -11.80
CA PRO B 4 -19.12 -16.38 -10.48
C PRO B 4 -20.49 -17.05 -10.44
N THR B 5 -20.70 -17.86 -9.42
CA THR B 5 -21.96 -18.56 -9.20
C THR B 5 -22.23 -18.47 -7.70
N PRO B 6 -23.49 -18.60 -7.28
CA PRO B 6 -23.87 -18.53 -5.87
C PRO B 6 -23.08 -19.51 -4.99
N ALA B 7 -22.51 -20.54 -5.62
CA ALA B 7 -21.72 -21.54 -4.92
C ALA B 7 -20.54 -20.86 -4.22
N ASP B 8 -20.02 -19.82 -4.87
CA ASP B 8 -18.90 -19.04 -4.34
C ASP B 8 -19.28 -18.29 -3.08
N HIS B 9 -20.58 -18.07 -2.89
CA HIS B 9 -21.10 -17.38 -1.72
C HIS B 9 -20.69 -15.91 -1.62
N PHE B 10 -20.83 -15.19 -2.73
CA PHE B 10 -20.50 -13.77 -2.75
C PHE B 10 -21.74 -13.00 -2.31
N THR B 11 -21.56 -12.04 -1.43
CA THR B 11 -22.68 -11.24 -0.95
C THR B 11 -22.32 -9.75 -1.00
N PHE B 12 -23.34 -8.92 -1.15
CA PHE B 12 -23.15 -7.49 -1.23
C PHE B 12 -24.15 -6.79 -0.33
N GLY B 13 -23.74 -5.65 0.22
CA GLY B 13 -24.63 -4.89 1.07
C GLY B 13 -25.49 -4.02 0.16
N LEU B 14 -26.75 -3.84 0.54
CA LEU B 14 -27.67 -3.03 -0.24
C LEU B 14 -27.11 -1.61 -0.38
N TRP B 15 -26.37 -1.18 0.65
CA TRP B 15 -25.77 0.13 0.70
C TRP B 15 -24.51 0.28 -0.18
N THR B 16 -23.92 -0.82 -0.59
CA THR B 16 -22.72 -0.75 -1.43
C THR B 16 -23.11 -0.22 -2.80
N VAL B 17 -23.86 -1.02 -3.55
CA VAL B 17 -24.34 -0.64 -4.86
C VAL B 17 -25.36 0.50 -4.75
N GLY B 18 -26.01 0.59 -3.60
CA GLY B 18 -27.01 1.62 -3.38
C GLY B 18 -26.45 3.00 -3.03
N TRP B 19 -25.13 3.09 -2.87
CA TRP B 19 -24.49 4.37 -2.56
C TRP B 19 -24.63 5.33 -3.74
N THR B 20 -25.26 6.47 -3.49
CA THR B 20 -25.48 7.46 -4.53
C THR B 20 -24.34 8.45 -4.78
N GLY B 21 -23.31 8.44 -3.95
CA GLY B 21 -22.19 9.32 -4.19
C GLY B 21 -21.95 10.48 -3.23
N ALA B 22 -22.90 10.74 -2.35
CA ALA B 22 -22.72 11.83 -1.40
C ALA B 22 -21.53 11.55 -0.50
N ASP B 23 -20.57 12.48 -0.46
CA ASP B 23 -19.40 12.31 0.38
C ASP B 23 -19.21 13.58 1.22
N PRO B 24 -18.06 13.76 1.89
CA PRO B 24 -17.88 14.91 2.76
C PRO B 24 -17.99 16.22 2.06
N PHE B 25 -17.49 16.28 0.83
CA PHE B 25 -17.39 17.57 0.12
C PHE B 25 -18.32 17.72 -1.08
N GLY B 26 -19.31 16.84 -1.22
CA GLY B 26 -20.20 16.94 -2.37
C GLY B 26 -21.53 16.23 -2.17
N VAL B 27 -22.43 16.41 -3.12
CA VAL B 27 -23.74 15.78 -3.06
C VAL B 27 -23.77 14.47 -3.86
N ALA B 28 -24.90 13.77 -3.79
CA ALA B 28 -25.04 12.50 -4.51
C ALA B 28 -24.88 12.74 -6.01
N THR B 29 -24.28 11.78 -6.70
CA THR B 29 -24.08 11.87 -8.15
C THR B 29 -25.00 10.91 -8.91
N ARG B 30 -25.57 9.95 -8.19
CA ARG B 30 -26.47 8.96 -8.81
C ARG B 30 -27.86 8.98 -8.20
N LYS B 31 -28.84 8.51 -8.98
CA LYS B 31 -30.22 8.43 -8.52
C LYS B 31 -30.30 7.28 -7.53
N ASN B 32 -31.42 7.15 -6.83
CA ASN B 32 -31.60 6.10 -5.86
C ASN B 32 -31.82 4.75 -6.53
N LEU B 33 -31.32 3.69 -5.90
CA LEU B 33 -31.46 2.33 -6.40
C LEU B 33 -32.62 1.65 -5.68
N ASP B 34 -33.56 1.13 -6.44
CA ASP B 34 -34.72 0.42 -5.88
C ASP B 34 -34.22 -0.91 -5.31
N PRO B 35 -34.49 -1.18 -4.01
CA PRO B 35 -34.06 -2.43 -3.35
C PRO B 35 -34.46 -3.71 -4.09
N VAL B 36 -35.59 -3.66 -4.77
CA VAL B 36 -36.07 -4.81 -5.53
C VAL B 36 -35.25 -4.96 -6.81
N GLU B 37 -34.89 -3.83 -7.39
CA GLU B 37 -34.10 -3.82 -8.61
C GLU B 37 -32.71 -4.36 -8.27
N ALA B 38 -32.16 -3.87 -7.17
CA ALA B 38 -30.85 -4.30 -6.69
C ALA B 38 -30.83 -5.82 -6.48
N VAL B 39 -31.86 -6.37 -5.84
CA VAL B 39 -31.94 -7.81 -5.62
C VAL B 39 -31.93 -8.57 -6.93
N HIS B 40 -32.63 -8.05 -7.92
CA HIS B 40 -32.71 -8.71 -9.23
C HIS B 40 -31.40 -8.63 -10.01
N LYS B 41 -30.76 -7.46 -9.97
CA LYS B 41 -29.51 -7.25 -10.67
C LYS B 41 -28.41 -8.10 -10.09
N LEU B 42 -28.31 -8.13 -8.76
CA LEU B 42 -27.30 -8.92 -8.06
C LEU B 42 -27.47 -10.41 -8.35
N ALA B 43 -28.71 -10.87 -8.33
CA ALA B 43 -29.02 -12.27 -8.61
C ALA B 43 -28.48 -12.56 -10.01
N GLU B 44 -28.85 -11.68 -10.93
CA GLU B 44 -28.43 -11.77 -12.32
C GLU B 44 -26.91 -11.84 -12.44
N LEU B 45 -26.21 -11.08 -11.61
CA LEU B 45 -24.75 -11.04 -11.63
C LEU B 45 -24.05 -12.27 -11.08
N GLY B 46 -24.76 -13.11 -10.36
CA GLY B 46 -24.16 -14.31 -9.81
C GLY B 46 -23.94 -14.25 -8.31
N ALA B 47 -24.48 -13.23 -7.65
CA ALA B 47 -24.34 -13.10 -6.21
C ALA B 47 -25.14 -14.19 -5.50
N TYR B 48 -24.68 -14.56 -4.31
CA TYR B 48 -25.32 -15.58 -3.49
C TYR B 48 -26.33 -14.97 -2.51
N GLY B 49 -26.02 -13.78 -2.02
CA GLY B 49 -26.92 -13.14 -1.08
C GLY B 49 -26.77 -11.63 -0.99
N ILE B 50 -27.61 -11.02 -0.17
CA ILE B 50 -27.60 -9.58 0.02
C ILE B 50 -27.67 -9.30 1.53
N THR B 51 -27.12 -8.14 1.92
CA THR B 51 -27.12 -7.70 3.32
C THR B 51 -27.63 -6.27 3.35
N PHE B 52 -27.98 -5.78 4.52
CA PHE B 52 -28.48 -4.41 4.65
C PHE B 52 -28.57 -3.97 6.11
N HIS B 53 -28.56 -2.66 6.28
CA HIS B 53 -28.80 -2.03 7.58
C HIS B 53 -30.31 -1.92 7.67
N ASP B 54 -30.84 -1.89 8.87
CA ASP B 54 -32.30 -1.83 8.99
C ASP B 54 -32.89 -0.67 8.17
N ASN B 55 -32.17 0.43 8.14
CA ASN B 55 -32.66 1.65 7.47
C ASN B 55 -32.35 1.70 5.97
N ASP B 56 -31.57 0.74 5.48
CA ASP B 56 -31.27 0.69 4.05
C ASP B 56 -32.58 0.26 3.40
N LEU B 57 -33.27 -0.65 4.09
CA LEU B 57 -34.53 -1.19 3.61
C LEU B 57 -35.73 -0.38 4.08
N ILE B 58 -35.88 -0.25 5.39
CA ILE B 58 -37.00 0.50 5.95
C ILE B 58 -36.52 1.83 6.54
N PRO B 59 -37.01 2.96 5.98
CA PRO B 59 -36.63 4.30 6.44
C PRO B 59 -36.94 4.55 7.92
N PHE B 60 -36.09 5.38 8.53
CA PHE B 60 -36.20 5.75 9.94
C PHE B 60 -37.61 6.24 10.29
N ASP B 61 -38.18 7.05 9.43
CA ASP B 61 -39.51 7.61 9.67
C ASP B 61 -40.65 6.89 8.94
N ALA B 62 -40.47 5.60 8.65
CA ALA B 62 -41.50 4.85 7.94
C ALA B 62 -42.72 4.53 8.79
N THR B 63 -43.90 4.59 8.17
CA THR B 63 -45.15 4.27 8.85
C THR B 63 -45.42 2.77 8.59
N GLU B 64 -46.27 2.15 9.42
CA GLU B 64 -46.60 0.72 9.29
C GLU B 64 -46.94 0.26 7.88
N ALA B 65 -47.76 1.03 7.17
CA ALA B 65 -48.15 0.68 5.80
C ALA B 65 -46.94 0.69 4.87
N GLU B 66 -46.03 1.63 5.10
CA GLU B 66 -44.83 1.76 4.28
C GLU B 66 -43.90 0.60 4.59
N ARG B 67 -43.73 0.33 5.86
CA ARG B 67 -42.87 -0.77 6.29
C ARG B 67 -43.38 -2.07 5.69
N GLU B 68 -44.69 -2.29 5.80
CA GLU B 68 -45.31 -3.50 5.26
C GLU B 68 -45.18 -3.69 3.76
N LYS B 69 -45.33 -2.62 2.98
CA LYS B 69 -45.22 -2.74 1.53
C LYS B 69 -43.78 -2.97 1.08
N ILE B 70 -42.83 -2.35 1.79
CA ILE B 70 -41.40 -2.49 1.47
C ILE B 70 -40.97 -3.94 1.69
N LEU B 71 -41.20 -4.45 2.91
CA LEU B 71 -40.84 -5.82 3.26
C LEU B 71 -41.54 -6.81 2.33
N GLY B 72 -42.81 -6.54 2.04
CA GLY B 72 -43.57 -7.40 1.16
C GLY B 72 -42.92 -7.53 -0.20
N ASP B 73 -42.62 -6.39 -0.82
CA ASP B 73 -41.96 -6.37 -2.13
C ASP B 73 -40.59 -7.04 -2.07
N PHE B 74 -39.83 -6.73 -1.03
CA PHE B 74 -38.49 -7.27 -0.83
C PHE B 74 -38.50 -8.80 -0.71
N ASN B 75 -39.43 -9.33 0.08
CA ASN B 75 -39.52 -10.77 0.26
C ASN B 75 -39.91 -11.50 -1.01
N GLN B 76 -40.76 -10.87 -1.83
CA GLN B 76 -41.17 -11.46 -3.09
C GLN B 76 -39.97 -11.48 -4.02
N ALA B 77 -39.18 -10.40 -3.99
CA ALA B 77 -37.98 -10.31 -4.82
C ALA B 77 -37.01 -11.43 -4.45
N LEU B 78 -36.83 -11.65 -3.15
CA LEU B 78 -35.94 -12.70 -2.65
C LEU B 78 -36.41 -14.07 -3.11
N LYS B 79 -37.70 -14.35 -2.94
CA LYS B 79 -38.28 -15.63 -3.33
C LYS B 79 -38.13 -15.88 -4.82
N ASP B 80 -38.26 -14.82 -5.62
CA ASP B 80 -38.12 -14.97 -7.06
C ASP B 80 -36.69 -15.28 -7.47
N THR B 81 -35.77 -14.42 -7.03
CA THR B 81 -34.36 -14.55 -7.37
C THR B 81 -33.66 -15.73 -6.71
N GLY B 82 -34.08 -16.05 -5.48
CA GLY B 82 -33.46 -17.13 -4.74
C GLY B 82 -32.30 -16.60 -3.90
N LEU B 83 -32.15 -15.29 -3.83
CA LEU B 83 -31.08 -14.68 -3.05
C LEU B 83 -31.30 -14.89 -1.57
N LYS B 84 -30.21 -15.09 -0.85
CA LYS B 84 -30.24 -15.30 0.58
C LYS B 84 -29.88 -13.99 1.31
N VAL B 85 -30.17 -13.92 2.61
CA VAL B 85 -29.84 -12.75 3.43
C VAL B 85 -29.03 -13.31 4.60
N PRO B 86 -27.74 -13.63 4.36
CA PRO B 86 -26.88 -14.19 5.40
C PRO B 86 -26.55 -13.27 6.57
N MET B 87 -26.67 -11.96 6.37
CA MET B 87 -26.30 -11.03 7.42
C MET B 87 -27.13 -9.74 7.41
N VAL B 88 -27.41 -9.23 8.61
CA VAL B 88 -28.17 -8.00 8.79
C VAL B 88 -27.43 -7.16 9.85
N THR B 89 -27.57 -5.84 9.78
CA THR B 89 -26.92 -4.96 10.74
C THR B 89 -27.79 -3.72 11.01
N THR B 90 -27.56 -3.06 12.13
CA THR B 90 -28.32 -1.88 12.52
C THR B 90 -27.59 -0.60 12.12
N ASN B 91 -28.32 0.46 11.82
CA ASN B 91 -27.70 1.73 11.46
C ASN B 91 -27.73 2.60 12.70
N LEU B 92 -26.59 2.69 13.39
CA LEU B 92 -26.47 3.50 14.59
C LEU B 92 -25.47 4.62 14.34
N PHE B 93 -25.59 5.32 13.21
CA PHE B 93 -24.66 6.38 12.88
C PHE B 93 -25.18 7.55 12.04
N SER B 94 -26.17 7.32 11.18
CA SER B 94 -26.69 8.36 10.31
C SER B 94 -27.59 9.42 10.94
N HIS B 95 -28.53 8.99 11.77
CA HIS B 95 -29.44 9.93 12.40
C HIS B 95 -28.69 10.83 13.39
N PRO B 96 -29.00 12.14 13.41
CA PRO B 96 -28.34 13.10 14.31
C PRO B 96 -28.37 12.75 15.80
N VAL B 97 -29.32 11.90 16.20
CA VAL B 97 -29.43 11.48 17.59
C VAL B 97 -28.21 10.66 17.99
N PHE B 98 -27.58 10.05 16.99
CA PHE B 98 -26.41 9.22 17.20
C PHE B 98 -25.09 9.98 17.04
N LYS B 99 -25.14 11.31 17.05
CA LYS B 99 -23.94 12.13 16.87
C LYS B 99 -22.80 11.81 17.86
N ASP B 100 -23.15 11.30 19.04
CA ASP B 100 -22.16 10.94 20.05
C ASP B 100 -22.17 9.43 20.28
N GLY B 101 -22.61 8.69 19.27
CA GLY B 101 -22.67 7.24 19.37
C GLY B 101 -24.02 6.72 19.83
N GLY B 102 -24.14 5.40 19.81
CA GLY B 102 -25.36 4.75 20.25
C GLY B 102 -25.20 4.10 21.61
N PHE B 103 -24.46 2.99 21.65
CA PHE B 103 -24.20 2.25 22.88
C PHE B 103 -23.38 3.01 23.93
N THR B 104 -22.46 3.86 23.47
CA THR B 104 -21.62 4.61 24.38
C THR B 104 -21.88 6.12 24.40
N SER B 105 -23.06 6.53 23.95
CA SER B 105 -23.41 7.95 23.97
C SER B 105 -23.47 8.40 25.43
N ASN B 106 -22.93 9.58 25.71
CA ASN B 106 -22.93 10.08 27.09
C ASN B 106 -24.36 10.24 27.60
N ASP B 107 -25.29 10.50 26.68
CA ASP B 107 -26.70 10.65 27.00
C ASP B 107 -27.34 9.27 27.20
N ARG B 108 -27.87 9.03 28.40
CA ARG B 108 -28.49 7.74 28.73
C ARG B 108 -29.74 7.35 27.94
N SER B 109 -30.61 8.30 27.65
CA SER B 109 -31.83 7.99 26.91
C SER B 109 -31.50 7.55 25.47
N ILE B 110 -30.42 8.10 24.92
CA ILE B 110 -29.97 7.76 23.58
C ILE B 110 -29.40 6.33 23.58
N ARG B 111 -28.71 5.96 24.65
CA ARG B 111 -28.16 4.61 24.79
C ARG B 111 -29.30 3.60 24.80
N ARG B 112 -30.34 3.90 25.57
CA ARG B 112 -31.51 3.03 25.67
C ARG B 112 -32.22 2.90 24.32
N PHE B 113 -32.33 4.01 23.61
CA PHE B 113 -32.96 4.02 22.28
C PHE B 113 -32.15 3.19 21.28
N ALA B 114 -30.82 3.37 21.29
CA ALA B 114 -29.93 2.64 20.39
C ALA B 114 -30.00 1.13 20.63
N LEU B 115 -30.08 0.73 21.89
CA LEU B 115 -30.16 -0.69 22.24
C LEU B 115 -31.51 -1.28 21.83
N ALA B 116 -32.59 -0.53 22.05
CA ALA B 116 -33.94 -0.97 21.68
C ALA B 116 -34.02 -1.15 20.17
N LYS B 117 -33.40 -0.23 19.44
CA LYS B 117 -33.36 -0.26 17.98
C LYS B 117 -32.67 -1.55 17.52
N VAL B 118 -31.62 -1.94 18.25
CA VAL B 118 -30.86 -3.14 17.94
C VAL B 118 -31.67 -4.41 18.24
N LEU B 119 -32.32 -4.43 19.41
CA LEU B 119 -33.13 -5.58 19.82
C LEU B 119 -34.24 -5.87 18.79
N HIS B 120 -34.83 -4.80 18.27
CA HIS B 120 -35.87 -4.94 17.27
C HIS B 120 -35.29 -5.47 15.95
N ASN B 121 -34.10 -4.97 15.61
CA ASN B 121 -33.42 -5.38 14.38
C ASN B 121 -33.03 -6.87 14.44
N ILE B 122 -32.80 -7.37 15.65
CA ILE B 122 -32.45 -8.78 15.85
C ILE B 122 -33.64 -9.66 15.46
N ASP B 123 -34.85 -9.18 15.71
CA ASP B 123 -36.06 -9.92 15.35
C ASP B 123 -36.19 -9.98 13.83
N LEU B 124 -35.91 -8.86 13.17
CA LEU B 124 -35.98 -8.78 11.72
C LEU B 124 -34.98 -9.75 11.09
N ALA B 125 -33.73 -9.70 11.56
CA ALA B 125 -32.68 -10.57 11.07
C ALA B 125 -33.13 -12.02 11.20
N ALA B 126 -33.73 -12.36 12.32
CA ALA B 126 -34.23 -13.70 12.57
C ALA B 126 -35.26 -14.08 11.51
N GLU B 127 -36.15 -13.16 11.20
CA GLU B 127 -37.18 -13.39 10.18
C GLU B 127 -36.55 -13.45 8.79
N MET B 128 -35.47 -12.71 8.58
CA MET B 128 -34.78 -12.71 7.30
C MET B 128 -33.98 -13.99 7.14
N GLY B 129 -33.79 -14.72 8.24
CA GLY B 129 -33.04 -15.95 8.22
C GLY B 129 -31.54 -15.70 8.26
N ALA B 130 -31.14 -14.51 8.70
CA ALA B 130 -29.73 -14.17 8.79
C ALA B 130 -29.03 -15.09 9.78
N GLU B 131 -27.73 -15.27 9.60
CA GLU B 131 -26.94 -16.13 10.46
C GLU B 131 -25.97 -15.29 11.31
N THR B 132 -25.68 -14.08 10.83
CA THR B 132 -24.76 -13.17 11.49
C THR B 132 -25.39 -11.79 11.65
N PHE B 133 -25.19 -11.18 12.80
CA PHE B 133 -25.71 -9.85 13.08
C PHE B 133 -24.46 -9.00 13.32
N VAL B 134 -24.13 -8.16 12.35
CA VAL B 134 -22.95 -7.31 12.44
C VAL B 134 -23.20 -6.01 13.21
N MET B 135 -22.18 -5.54 13.91
CA MET B 135 -22.25 -4.31 14.67
C MET B 135 -20.98 -3.50 14.38
N TRP B 136 -21.14 -2.38 13.70
CA TRP B 136 -20.01 -1.50 13.41
C TRP B 136 -20.28 -0.21 14.16
N GLY B 137 -19.62 -0.01 15.29
CA GLY B 137 -19.83 1.19 16.06
C GLY B 137 -19.11 2.40 15.48
N GLY B 138 -19.60 2.91 14.35
CA GLY B 138 -18.99 4.06 13.72
C GLY B 138 -18.95 5.32 14.55
N ARG B 139 -19.99 5.57 15.35
CA ARG B 139 -20.07 6.77 16.18
C ARG B 139 -19.54 6.61 17.61
N GLU B 140 -19.17 5.40 18.01
CA GLU B 140 -18.66 5.16 19.35
C GLU B 140 -17.19 5.56 19.43
N GLY B 141 -16.93 6.77 19.92
CA GLY B 141 -15.56 7.24 20.02
C GLY B 141 -15.48 8.68 20.49
N SER B 142 -14.46 9.40 20.05
CA SER B 142 -14.29 10.80 20.45
C SER B 142 -13.26 11.56 19.61
N GLU B 143 -13.38 12.88 19.61
CA GLU B 143 -12.44 13.75 18.90
C GLU B 143 -11.45 14.30 19.92
N TYR B 144 -11.90 14.38 21.17
CA TYR B 144 -11.11 14.90 22.28
C TYR B 144 -11.02 13.83 23.35
N ASP B 145 -9.86 13.73 24.00
CA ASP B 145 -9.63 12.70 25.02
C ASP B 145 -10.50 12.83 26.27
N GLY B 146 -10.79 14.07 26.69
CA GLY B 146 -11.58 14.28 27.90
C GLY B 146 -13.09 14.19 27.75
N SER B 147 -13.58 13.87 26.56
CA SER B 147 -15.02 13.76 26.31
C SER B 147 -15.62 12.49 26.87
N LYS B 148 -14.78 11.51 27.18
CA LYS B 148 -15.26 10.23 27.68
C LYS B 148 -14.44 9.63 28.82
N ASP B 149 -15.19 8.94 29.68
CA ASP B 149 -14.61 8.11 30.74
C ASP B 149 -14.43 6.76 30.08
N LEU B 150 -13.20 6.53 29.71
CA LEU B 150 -12.84 5.36 28.92
C LEU B 150 -13.28 4.03 29.51
N ALA B 151 -13.27 3.92 30.84
CA ALA B 151 -13.69 2.69 31.50
C ALA B 151 -15.21 2.53 31.33
N ALA B 152 -15.93 3.59 31.67
CA ALA B 152 -17.39 3.61 31.57
C ALA B 152 -17.84 3.27 30.15
N ALA B 153 -17.16 3.84 29.16
CA ALA B 153 -17.47 3.61 27.76
C ALA B 153 -17.41 2.11 27.43
N LEU B 154 -16.36 1.43 27.88
CA LEU B 154 -16.22 0.00 27.64
C LEU B 154 -17.29 -0.79 28.38
N ASP B 155 -17.77 -0.25 29.50
CA ASP B 155 -18.82 -0.88 30.29
C ASP B 155 -20.16 -0.80 29.56
N ARG B 156 -20.48 0.39 29.06
CA ARG B 156 -21.71 0.64 28.32
C ARG B 156 -21.71 -0.19 27.03
N MET B 157 -20.53 -0.32 26.43
CA MET B 157 -20.38 -1.09 25.19
C MET B 157 -20.68 -2.57 25.50
N ARG B 158 -20.12 -3.06 26.60
CA ARG B 158 -20.34 -4.44 27.01
C ARG B 158 -21.80 -4.68 27.36
N GLU B 159 -22.41 -3.70 28.01
CA GLU B 159 -23.80 -3.79 28.41
C GLU B 159 -24.71 -4.01 27.20
N GLY B 160 -24.51 -3.21 26.16
CA GLY B 160 -25.32 -3.34 24.96
C GLY B 160 -25.14 -4.65 24.24
N VAL B 161 -23.89 -5.03 24.03
CA VAL B 161 -23.56 -6.28 23.34
C VAL B 161 -24.03 -7.52 24.10
N ASP B 162 -23.84 -7.54 25.41
CA ASP B 162 -24.27 -8.66 26.23
C ASP B 162 -25.78 -8.75 26.33
N THR B 163 -26.44 -7.59 26.35
CA THR B 163 -27.89 -7.53 26.42
C THR B 163 -28.42 -8.12 25.11
N ALA B 164 -27.84 -7.68 23.99
CA ALA B 164 -28.23 -8.17 22.68
C ALA B 164 -28.01 -9.69 22.59
N ALA B 165 -26.82 -10.15 22.98
CA ALA B 165 -26.48 -11.57 22.96
C ALA B 165 -27.39 -12.40 23.86
N GLY B 166 -27.72 -11.85 25.03
CA GLY B 166 -28.60 -12.56 25.96
C GLY B 166 -29.98 -12.74 25.34
N TYR B 167 -30.41 -11.69 24.63
CA TYR B 167 -31.70 -11.68 23.96
C TYR B 167 -31.75 -12.76 22.91
N ILE B 168 -30.69 -12.85 22.12
CA ILE B 168 -30.60 -13.86 21.08
C ILE B 168 -30.76 -15.24 21.71
N LYS B 169 -30.03 -15.46 22.81
CA LYS B 169 -30.08 -16.73 23.52
C LYS B 169 -31.48 -17.06 24.03
N ASP B 170 -32.13 -16.09 24.67
CA ASP B 170 -33.47 -16.27 25.22
C ASP B 170 -34.52 -16.58 24.16
N LYS B 171 -34.36 -15.97 23.00
CA LYS B 171 -35.27 -16.17 21.89
C LYS B 171 -34.96 -17.46 21.12
N GLY B 172 -33.75 -17.97 21.31
CA GLY B 172 -33.33 -19.18 20.64
C GLY B 172 -33.03 -18.95 19.17
N TYR B 173 -32.59 -17.73 18.83
CA TYR B 173 -32.27 -17.40 17.45
C TYR B 173 -30.94 -18.01 17.01
N ASN B 174 -30.89 -18.49 15.77
CA ASN B 174 -29.66 -19.05 15.21
C ASN B 174 -28.86 -17.85 14.69
N LEU B 175 -28.39 -17.01 15.63
CA LEU B 175 -27.64 -15.82 15.28
C LEU B 175 -26.38 -15.71 16.14
N ARG B 176 -25.44 -15.01 15.57
CA ARG B 176 -24.15 -14.73 16.20
C ARG B 176 -23.77 -13.29 15.87
N ILE B 177 -23.36 -12.58 16.89
CA ILE B 177 -22.96 -11.19 16.74
C ILE B 177 -21.51 -11.13 16.31
N ALA B 178 -21.25 -10.22 15.40
CA ALA B 178 -19.91 -9.99 14.87
C ALA B 178 -19.61 -8.50 14.88
N LEU B 179 -18.61 -8.16 15.68
CA LEU B 179 -18.16 -6.78 15.82
C LEU B 179 -17.21 -6.43 14.67
N GLU B 180 -17.26 -5.19 14.29
CA GLU B 180 -16.47 -4.71 13.17
C GLU B 180 -15.61 -3.52 13.56
N PRO B 181 -14.40 -3.76 14.00
CA PRO B 181 -13.49 -2.70 14.38
C PRO B 181 -13.14 -1.79 13.20
N LYS B 182 -12.87 -0.55 13.58
CA LYS B 182 -12.41 0.54 12.69
C LYS B 182 -11.61 1.55 13.51
N PRO B 183 -10.40 1.96 13.05
CA PRO B 183 -9.59 2.90 13.79
C PRO B 183 -10.31 4.20 14.02
N ASN B 184 -10.45 4.95 12.93
CA ASN B 184 -11.10 6.27 12.97
C ASN B 184 -12.04 6.47 11.77
N GLU B 185 -12.71 7.62 11.80
CA GLU B 185 -13.67 8.05 10.77
C GLU B 185 -14.96 7.23 10.91
N PRO B 186 -16.16 7.84 11.09
CA PRO B 186 -16.31 9.30 11.20
C PRO B 186 -15.58 9.86 12.39
N ARG B 187 -15.66 9.12 13.47
CA ARG B 187 -15.03 9.50 14.75
C ARG B 187 -13.52 9.64 14.57
N GLY B 188 -12.98 10.57 15.33
CA GLY B 188 -11.54 10.86 15.35
C GLY B 188 -10.79 9.67 15.92
N ASP B 189 -11.44 9.04 16.87
CA ASP B 189 -10.93 7.85 17.57
C ASP B 189 -12.11 6.97 18.01
N ILE B 190 -12.27 5.89 17.28
CA ILE B 190 -13.35 4.92 17.52
C ILE B 190 -12.87 3.83 18.49
N PHE B 191 -13.76 3.51 19.41
CA PHE B 191 -13.50 2.49 20.44
C PHE B 191 -13.31 1.14 19.77
N LEU B 192 -12.39 0.33 20.31
CA LEU B 192 -12.05 -1.00 19.76
C LEU B 192 -11.67 -0.75 18.29
N PRO B 193 -10.59 0.01 18.07
CA PRO B 193 -10.07 0.36 16.75
C PRO B 193 -9.58 -0.73 15.81
N THR B 194 -9.17 -1.87 16.34
CA THR B 194 -8.65 -2.92 15.48
C THR B 194 -9.08 -4.31 15.92
N VAL B 195 -8.84 -5.30 15.05
CA VAL B 195 -9.17 -6.70 15.30
C VAL B 195 -8.77 -7.13 16.71
N GLY B 196 -7.52 -6.87 17.09
CA GLY B 196 -7.05 -7.23 18.41
C GLY B 196 -7.89 -6.66 19.54
N HIS B 197 -8.21 -5.37 19.47
CA HIS B 197 -9.01 -4.73 20.51
C HIS B 197 -10.40 -5.39 20.56
N GLY B 198 -10.89 -5.79 19.39
CA GLY B 198 -12.18 -6.44 19.30
C GLY B 198 -12.14 -7.81 19.96
N LEU B 199 -11.12 -8.60 19.65
CA LEU B 199 -10.97 -9.94 20.22
C LEU B 199 -10.83 -9.90 21.75
N ALA B 200 -9.99 -8.98 22.22
CA ALA B 200 -9.76 -8.82 23.65
C ALA B 200 -11.05 -8.44 24.36
N PHE B 201 -11.77 -7.48 23.79
CA PHE B 201 -13.03 -7.01 24.35
C PHE B 201 -14.01 -8.16 24.52
N ILE B 202 -14.07 -9.03 23.51
CA ILE B 202 -14.95 -10.20 23.51
C ILE B 202 -14.71 -11.11 24.73
N GLU B 203 -13.48 -11.13 25.21
CA GLU B 203 -13.13 -11.96 26.36
C GLU B 203 -13.65 -11.42 27.70
N GLN B 204 -14.15 -10.18 27.70
CA GLN B 204 -14.69 -9.59 28.91
C GLN B 204 -16.22 -9.71 28.93
N LEU B 205 -16.79 -10.28 27.88
CA LEU B 205 -18.23 -10.44 27.77
C LEU B 205 -18.75 -11.72 28.43
N GLU B 206 -19.94 -11.62 28.99
CA GLU B 206 -20.58 -12.76 29.63
C GLU B 206 -21.09 -13.76 28.59
N HIS B 207 -21.49 -13.26 27.43
CA HIS B 207 -22.00 -14.11 26.36
C HIS B 207 -21.06 -14.13 25.18
N GLY B 208 -19.76 -14.13 25.48
CA GLY B 208 -18.75 -14.12 24.44
C GLY B 208 -18.76 -15.33 23.53
N ASP B 209 -19.41 -16.41 23.97
CA ASP B 209 -19.47 -17.62 23.16
C ASP B 209 -20.15 -17.42 21.82
N ILE B 210 -21.01 -16.42 21.70
CA ILE B 210 -21.70 -16.18 20.42
C ILE B 210 -21.32 -14.84 19.77
N VAL B 211 -20.22 -14.25 20.23
CA VAL B 211 -19.74 -12.99 19.65
C VAL B 211 -18.36 -13.21 19.04
N GLY B 212 -18.21 -12.74 17.82
CA GLY B 212 -16.96 -12.86 17.06
C GLY B 212 -16.65 -11.54 16.36
N LEU B 213 -15.84 -11.64 15.33
CA LEU B 213 -15.44 -10.46 14.56
C LEU B 213 -15.91 -10.53 13.10
N ASN B 214 -15.85 -9.35 12.50
CA ASN B 214 -16.19 -9.13 11.09
C ASN B 214 -15.20 -8.09 10.55
N PRO B 215 -13.93 -8.48 10.42
CA PRO B 215 -12.85 -7.60 9.95
C PRO B 215 -13.07 -7.08 8.53
N GLU B 216 -12.47 -5.91 8.29
CA GLU B 216 -12.52 -5.20 7.00
C GLU B 216 -11.13 -4.81 6.54
N THR B 217 -10.85 -5.19 5.31
CA THR B 217 -9.56 -4.94 4.70
C THR B 217 -9.13 -3.49 4.94
N GLY B 218 -9.95 -2.58 4.45
CA GLY B 218 -9.69 -1.13 4.52
C GLY B 218 -9.55 -0.61 5.97
N HIS B 219 -10.28 -1.23 6.89
CA HIS B 219 -10.28 -0.79 8.30
C HIS B 219 -8.92 -1.04 8.98
N GLU B 220 -8.39 -2.24 8.82
CA GLU B 220 -7.10 -2.60 9.42
C GLU B 220 -5.98 -1.81 8.74
N GLN B 221 -6.12 -1.59 7.44
CA GLN B 221 -5.14 -0.86 6.66
C GLN B 221 -5.08 0.64 6.98
N MET B 222 -6.17 1.18 7.51
CA MET B 222 -6.21 2.59 7.89
C MET B 222 -5.36 2.78 9.14
N ALA B 223 -5.08 1.68 9.83
CA ALA B 223 -4.24 1.68 11.01
C ALA B 223 -2.83 1.24 10.60
N GLY B 224 -2.63 1.00 9.32
CA GLY B 224 -1.32 0.58 8.83
C GLY B 224 -0.96 -0.86 9.15
N LEU B 225 -1.93 -1.63 9.63
CA LEU B 225 -1.68 -3.03 9.98
C LEU B 225 -1.83 -3.99 8.80
N ASN B 226 -1.36 -5.23 8.98
CA ASN B 226 -1.44 -6.26 7.96
C ASN B 226 -2.76 -7.04 8.11
N PHE B 227 -3.66 -6.89 7.15
CA PHE B 227 -4.97 -7.56 7.20
C PHE B 227 -4.88 -9.08 7.29
N THR B 228 -4.05 -9.70 6.45
CA THR B 228 -3.89 -11.15 6.48
C THR B 228 -3.49 -11.61 7.87
N HIS B 229 -2.56 -10.90 8.49
CA HIS B 229 -2.11 -11.21 9.84
C HIS B 229 -3.27 -11.06 10.85
N GLY B 230 -4.10 -10.04 10.64
CA GLY B 230 -5.23 -9.80 11.53
C GLY B 230 -6.26 -10.91 11.50
N ILE B 231 -6.71 -11.27 10.31
CA ILE B 231 -7.70 -12.33 10.18
C ILE B 231 -7.11 -13.66 10.63
N ALA B 232 -5.80 -13.82 10.43
CA ALA B 232 -5.11 -15.04 10.86
C ALA B 232 -5.25 -15.21 12.37
N GLN B 233 -5.07 -14.13 13.13
CA GLN B 233 -5.19 -14.19 14.59
C GLN B 233 -6.65 -14.43 14.98
N ALA B 234 -7.57 -13.88 14.20
CA ALA B 234 -9.00 -14.05 14.45
C ALA B 234 -9.41 -15.50 14.15
N LEU B 235 -8.80 -16.09 13.13
CA LEU B 235 -9.09 -17.46 12.76
C LEU B 235 -8.53 -18.39 13.85
N TRP B 236 -7.29 -18.09 14.26
CA TRP B 236 -6.60 -18.86 15.28
C TRP B 236 -7.41 -18.87 16.59
N ALA B 237 -8.02 -17.75 16.92
CA ALA B 237 -8.84 -17.62 18.13
C ALA B 237 -10.26 -18.15 17.91
N GLU B 238 -10.52 -18.59 16.68
CA GLU B 238 -11.83 -19.12 16.29
C GLU B 238 -12.94 -18.08 16.45
N LYS B 239 -12.64 -16.85 16.05
CA LYS B 239 -13.58 -15.75 16.15
C LYS B 239 -13.89 -15.08 14.81
N LEU B 240 -13.52 -15.72 13.71
CA LEU B 240 -13.77 -15.14 12.38
C LEU B 240 -15.17 -15.56 11.91
N PHE B 241 -16.18 -14.86 12.41
CA PHE B 241 -17.58 -15.13 12.08
C PHE B 241 -18.02 -14.62 10.71
N HIS B 242 -17.45 -13.50 10.27
CA HIS B 242 -17.81 -12.91 9.00
C HIS B 242 -16.62 -12.09 8.51
N ILE B 243 -16.72 -11.53 7.31
CA ILE B 243 -15.64 -10.72 6.75
C ILE B 243 -16.12 -9.73 5.69
N ASP B 244 -15.57 -8.52 5.72
CA ASP B 244 -15.89 -7.46 4.76
C ASP B 244 -14.66 -7.25 3.89
N LEU B 245 -14.83 -7.47 2.60
CA LEU B 245 -13.74 -7.32 1.66
C LEU B 245 -13.87 -6.06 0.82
N ASN B 246 -12.77 -5.33 0.70
CA ASN B 246 -12.72 -4.10 -0.09
C ASN B 246 -11.28 -3.66 -0.34
N GLY B 247 -11.12 -2.49 -0.97
CA GLY B 247 -9.79 -1.98 -1.27
C GLY B 247 -9.52 -0.65 -0.59
N GLN B 248 -8.28 -0.48 -0.14
CA GLN B 248 -7.84 0.74 0.52
C GLN B 248 -6.43 0.99 0.04
N ARG B 249 -6.15 2.21 -0.39
CA ARG B 249 -4.83 2.55 -0.87
C ARG B 249 -4.12 3.51 0.10
N GLY B 250 -3.79 3.00 1.28
CA GLY B 250 -3.09 3.80 2.26
C GLY B 250 -3.91 4.25 3.47
N ILE B 251 -3.15 4.87 4.37
CA ILE B 251 -3.66 5.44 5.62
C ILE B 251 -4.22 6.83 5.33
N LYS B 252 -5.50 6.82 5.08
CA LYS B 252 -6.27 8.03 4.78
C LYS B 252 -7.73 7.71 4.99
N TYR B 253 -8.56 8.58 4.49
CA TYR B 253 -9.99 8.34 4.56
C TYR B 253 -10.31 7.04 3.89
N GLU B 254 -11.33 6.45 4.42
CA GLU B 254 -11.80 5.20 3.92
C GLU B 254 -12.31 5.39 2.50
N GLN B 255 -11.66 4.64 1.63
CA GLN B 255 -11.94 4.67 0.20
C GLN B 255 -13.02 3.64 -0.16
N GLU B 256 -12.91 2.48 0.44
CA GLU B 256 -13.86 1.37 0.20
C GLU B 256 -13.95 1.07 -1.31
N LEU B 257 -12.77 0.84 -1.88
CA LEU B 257 -12.64 0.49 -3.30
C LEU B 257 -12.97 -0.98 -3.50
N VAL B 258 -13.04 -1.37 -4.76
CA VAL B 258 -13.30 -2.76 -5.13
C VAL B 258 -12.16 -3.61 -4.56
N PHE B 259 -12.52 -4.79 -4.08
CA PHE B 259 -11.53 -5.71 -3.53
C PHE B 259 -10.48 -6.00 -4.60
N GLY B 260 -9.23 -5.81 -4.23
CA GLY B 260 -8.09 -6.06 -5.13
C GLY B 260 -7.65 -4.76 -5.78
N HIS B 261 -8.44 -3.71 -5.60
CA HIS B 261 -8.13 -2.39 -6.17
C HIS B 261 -7.31 -1.51 -5.23
N GLY B 262 -6.98 -2.06 -4.07
CA GLY B 262 -6.17 -1.36 -3.10
C GLY B 262 -4.80 -2.02 -3.10
N ASP B 263 -4.47 -2.68 -1.99
CA ASP B 263 -3.19 -3.38 -1.85
C ASP B 263 -3.33 -4.75 -2.51
N LEU B 264 -2.81 -4.87 -3.74
CA LEU B 264 -2.92 -6.09 -4.51
C LEU B 264 -2.26 -7.33 -3.92
N THR B 265 -0.99 -7.23 -3.55
CA THR B 265 -0.27 -8.37 -2.99
C THR B 265 -0.92 -8.85 -1.67
N SER B 266 -1.39 -7.90 -0.87
CA SER B 266 -2.04 -8.22 0.40
C SER B 266 -3.32 -8.99 0.09
N ALA B 267 -4.08 -8.49 -0.89
CA ALA B 267 -5.33 -9.14 -1.32
C ALA B 267 -5.08 -10.59 -1.72
N PHE B 268 -4.03 -10.79 -2.51
CA PHE B 268 -3.63 -12.11 -2.97
C PHE B 268 -3.43 -13.05 -1.78
N PHE B 269 -2.67 -12.60 -0.79
CA PHE B 269 -2.39 -13.42 0.39
C PHE B 269 -3.58 -13.61 1.31
N THR B 270 -4.51 -12.67 1.28
CA THR B 270 -5.72 -12.78 2.10
C THR B 270 -6.55 -13.92 1.54
N VAL B 271 -6.73 -13.94 0.23
CA VAL B 271 -7.50 -15.00 -0.45
C VAL B 271 -6.78 -16.34 -0.26
N ASP B 272 -5.45 -16.31 -0.32
CA ASP B 272 -4.63 -17.50 -0.14
C ASP B 272 -5.00 -18.14 1.21
N LEU B 273 -5.09 -17.31 2.25
CA LEU B 273 -5.44 -17.78 3.57
C LEU B 273 -6.88 -18.29 3.61
N LEU B 274 -7.80 -17.52 3.02
CA LEU B 274 -9.21 -17.91 3.00
C LEU B 274 -9.45 -19.23 2.29
N GLU B 275 -8.78 -19.42 1.16
CA GLU B 275 -8.94 -20.62 0.34
C GLU B 275 -8.04 -21.78 0.74
N ASN B 276 -6.76 -21.49 0.92
CA ASN B 276 -5.81 -22.54 1.28
C ASN B 276 -5.67 -22.81 2.77
N GLY B 277 -6.07 -21.86 3.61
CA GLY B 277 -5.93 -22.07 5.05
C GLY B 277 -4.46 -21.98 5.44
N PHE B 278 -4.10 -22.62 6.53
CA PHE B 278 -2.71 -22.61 7.00
C PHE B 278 -1.91 -23.82 6.50
N PRO B 279 -0.65 -23.61 6.08
CA PRO B 279 0.27 -24.63 5.57
C PRO B 279 0.41 -25.89 6.42
N ASN B 280 0.54 -25.71 7.73
CA ASN B 280 0.69 -26.85 8.63
C ASN B 280 -0.66 -27.35 9.14
N GLY B 281 -1.72 -26.97 8.45
CA GLY B 281 -3.05 -27.39 8.84
C GLY B 281 -3.69 -26.37 9.76
N GLY B 282 -4.93 -26.63 10.15
CA GLY B 282 -5.63 -25.71 11.02
C GLY B 282 -7.02 -25.39 10.48
N PRO B 283 -7.76 -24.48 11.13
CA PRO B 283 -9.10 -24.09 10.69
C PRO B 283 -9.13 -23.23 9.42
N LYS B 284 -10.28 -23.21 8.77
CA LYS B 284 -10.50 -22.44 7.56
C LYS B 284 -11.80 -21.65 7.70
N TYR B 285 -11.89 -20.52 7.00
CA TYR B 285 -13.08 -19.70 7.04
C TYR B 285 -14.14 -20.25 6.08
N THR B 286 -15.32 -20.55 6.60
CA THR B 286 -16.44 -21.07 5.81
C THR B 286 -17.50 -20.02 5.48
N GLY B 287 -17.50 -18.92 6.23
CA GLY B 287 -18.49 -17.87 6.00
C GLY B 287 -18.53 -17.27 4.60
N PRO B 288 -19.45 -16.32 4.36
CA PRO B 288 -19.64 -15.65 3.08
C PRO B 288 -18.52 -14.67 2.73
N ARG B 289 -18.27 -14.51 1.43
CA ARG B 289 -17.27 -13.58 0.96
C ARG B 289 -18.05 -12.32 0.66
N HIS B 290 -18.25 -11.51 1.69
CA HIS B 290 -19.01 -10.28 1.60
C HIS B 290 -18.18 -9.08 1.16
N PHE B 291 -18.66 -8.37 0.15
CA PHE B 291 -17.97 -7.19 -0.34
C PHE B 291 -18.63 -5.95 0.23
N ASP B 292 -17.84 -5.11 0.90
CA ASP B 292 -18.34 -3.87 1.47
C ASP B 292 -17.53 -2.71 0.91
N TYR B 293 -17.93 -2.26 -0.26
CA TYR B 293 -17.28 -1.18 -0.98
C TYR B 293 -18.32 -0.15 -1.47
N LYS B 294 -17.86 0.78 -2.32
CA LYS B 294 -18.72 1.81 -2.89
C LYS B 294 -18.27 2.14 -4.31
N PRO B 295 -19.20 2.12 -5.29
CA PRO B 295 -18.82 2.45 -6.67
C PRO B 295 -18.44 3.93 -6.70
N SER B 296 -17.24 4.24 -7.16
CA SER B 296 -16.76 5.63 -7.23
C SER B 296 -17.83 6.55 -7.81
N ARG B 297 -18.05 7.69 -7.15
CA ARG B 297 -19.05 8.66 -7.57
C ARG B 297 -18.88 9.29 -8.96
N THR B 298 -17.75 9.03 -9.61
CA THR B 298 -17.48 9.55 -10.96
C THR B 298 -18.21 8.70 -12.00
N ASP B 299 -18.58 7.48 -11.62
CA ASP B 299 -19.24 6.56 -12.52
C ASP B 299 -20.77 6.52 -12.39
N GLY B 300 -21.42 6.15 -13.48
CA GLY B 300 -22.86 6.03 -13.52
C GLY B 300 -23.30 4.64 -13.13
N TYR B 301 -24.57 4.32 -13.33
CA TYR B 301 -25.06 3.00 -12.97
C TYR B 301 -24.40 1.83 -13.66
N ASP B 302 -23.93 2.01 -14.89
CA ASP B 302 -23.24 0.92 -15.57
C ASP B 302 -21.98 0.61 -14.77
N GLY B 303 -21.32 1.66 -14.31
CA GLY B 303 -20.11 1.50 -13.51
C GLY B 303 -20.43 0.78 -12.23
N VAL B 304 -21.59 1.07 -11.66
CA VAL B 304 -22.04 0.43 -10.44
C VAL B 304 -22.07 -1.09 -10.63
N TRP B 305 -22.76 -1.52 -11.68
CA TRP B 305 -22.89 -2.94 -11.95
C TRP B 305 -21.55 -3.55 -12.34
N ASP B 306 -20.68 -2.75 -12.94
CA ASP B 306 -19.36 -3.21 -13.32
C ASP B 306 -18.50 -3.47 -12.08
N SER B 307 -18.61 -2.59 -11.10
CA SER B 307 -17.84 -2.73 -9.87
C SER B 307 -18.30 -3.97 -9.10
N ALA B 308 -19.60 -4.29 -9.19
CA ALA B 308 -20.14 -5.47 -8.52
C ALA B 308 -19.47 -6.69 -9.15
N LYS B 309 -19.39 -6.71 -10.48
CA LYS B 309 -18.75 -7.81 -11.18
C LYS B 309 -17.27 -7.89 -10.82
N ALA B 310 -16.60 -6.73 -10.86
CA ALA B 310 -15.18 -6.60 -10.56
C ALA B 310 -14.77 -7.27 -9.25
N ASN B 311 -15.55 -7.05 -8.20
CA ASN B 311 -15.25 -7.65 -6.91
C ASN B 311 -15.17 -9.16 -7.01
N MET B 312 -16.16 -9.75 -7.65
CA MET B 312 -16.21 -11.20 -7.81
C MET B 312 -15.10 -11.70 -8.74
N SER B 313 -14.83 -10.95 -9.81
CA SER B 313 -13.77 -11.33 -10.75
C SER B 313 -12.42 -11.30 -10.05
N MET B 314 -12.14 -10.22 -9.34
CA MET B 314 -10.89 -10.05 -8.60
C MET B 314 -10.67 -11.23 -7.67
N TYR B 315 -11.68 -11.59 -6.90
CA TYR B 315 -11.57 -12.71 -5.99
C TYR B 315 -11.28 -14.02 -6.73
N LEU B 316 -12.06 -14.30 -7.76
CA LEU B 316 -11.90 -15.52 -8.55
C LEU B 316 -10.56 -15.61 -9.25
N LEU B 317 -10.03 -14.46 -9.68
CA LEU B 317 -8.73 -14.41 -10.35
C LEU B 317 -7.63 -14.68 -9.33
N LEU B 318 -7.72 -14.00 -8.19
CA LEU B 318 -6.74 -14.15 -7.11
C LEU B 318 -6.74 -15.58 -6.59
N LYS B 319 -7.94 -16.17 -6.56
CA LYS B 319 -8.13 -17.54 -6.09
C LYS B 319 -7.36 -18.53 -6.94
N GLU B 320 -7.50 -18.42 -8.26
CA GLU B 320 -6.81 -19.31 -9.18
C GLU B 320 -5.32 -19.24 -8.94
N ARG B 321 -4.80 -18.02 -8.86
CA ARG B 321 -3.39 -17.79 -8.64
C ARG B 321 -2.92 -18.29 -7.28
N ALA B 322 -3.80 -18.22 -6.27
CA ALA B 322 -3.46 -18.69 -4.93
C ALA B 322 -3.32 -20.22 -4.90
N LEU B 323 -4.24 -20.91 -5.58
CA LEU B 323 -4.24 -22.37 -5.64
C LEU B 323 -3.04 -22.89 -6.43
N ALA B 324 -2.80 -22.28 -7.58
CA ALA B 324 -1.67 -22.64 -8.42
C ALA B 324 -0.37 -22.38 -7.67
N PHE B 325 -0.35 -21.27 -6.94
CA PHE B 325 0.79 -20.87 -6.13
C PHE B 325 1.22 -22.02 -5.22
N ARG B 326 0.28 -22.49 -4.42
CA ARG B 326 0.54 -23.56 -3.45
C ARG B 326 0.75 -24.93 -4.12
N ALA B 327 0.17 -25.10 -5.30
CA ALA B 327 0.27 -26.39 -6.02
C ALA B 327 1.64 -26.57 -6.69
N ASP B 328 2.30 -25.45 -6.92
CA ASP B 328 3.62 -25.42 -7.59
C ASP B 328 4.67 -26.17 -6.75
N PRO B 329 5.25 -27.27 -7.26
CA PRO B 329 6.28 -28.00 -6.54
C PRO B 329 7.45 -27.12 -6.14
N GLU B 330 7.81 -26.17 -6.97
CA GLU B 330 8.93 -25.27 -6.65
C GLU B 330 8.61 -24.43 -5.41
N VAL B 331 7.35 -24.10 -5.27
CA VAL B 331 6.88 -23.30 -4.14
C VAL B 331 6.92 -24.17 -2.87
N GLN B 332 6.66 -25.44 -3.05
CA GLN B 332 6.65 -26.41 -1.93
C GLN B 332 8.07 -26.57 -1.37
N GLU B 333 9.04 -26.69 -2.25
CA GLU B 333 10.45 -26.84 -1.83
C GLU B 333 10.96 -25.52 -1.25
N ALA B 334 10.51 -24.42 -1.83
CA ALA B 334 10.90 -23.09 -1.36
C ALA B 334 10.39 -22.90 0.07
N MET B 335 9.18 -23.40 0.29
CA MET B 335 8.54 -23.33 1.61
C MET B 335 9.33 -24.18 2.60
N LYS B 336 9.79 -25.35 2.14
CA LYS B 336 10.57 -26.23 2.99
C LYS B 336 11.87 -25.55 3.41
N THR B 337 12.60 -25.02 2.44
CA THR B 337 13.86 -24.34 2.68
C THR B 337 13.74 -23.15 3.65
N SER B 338 12.66 -22.39 3.56
CA SER B 338 12.45 -21.24 4.44
C SER B 338 12.04 -21.66 5.85
N GLY B 339 11.69 -22.94 6.02
CA GLY B 339 11.29 -23.45 7.31
C GLY B 339 9.84 -23.26 7.66
N VAL B 340 9.00 -23.02 6.65
CA VAL B 340 7.56 -22.80 6.87
C VAL B 340 6.90 -23.94 7.64
N PHE B 341 7.27 -25.17 7.30
CA PHE B 341 6.73 -26.34 7.97
C PHE B 341 7.48 -26.61 9.27
N GLU B 342 8.73 -26.16 9.33
CA GLU B 342 9.54 -26.34 10.53
C GLU B 342 8.95 -25.55 11.68
N LEU B 343 8.34 -24.41 11.36
CA LEU B 343 7.69 -23.57 12.36
C LEU B 343 6.54 -24.34 13.00
N GLY B 344 6.00 -25.31 12.27
CA GLY B 344 4.90 -26.10 12.76
C GLY B 344 5.32 -27.13 13.79
N GLU B 345 6.62 -27.21 14.03
CA GLU B 345 7.16 -28.14 15.01
C GLU B 345 7.23 -27.46 16.37
N THR B 346 6.83 -28.16 17.42
CA THR B 346 6.88 -27.61 18.76
C THR B 346 8.33 -27.37 19.18
N THR B 347 8.57 -26.27 19.86
CA THR B 347 9.91 -25.94 20.34
C THR B 347 10.41 -27.02 21.31
N LEU B 348 9.60 -27.30 22.32
CA LEU B 348 9.95 -28.30 23.30
C LEU B 348 9.70 -29.69 22.73
N ASN B 349 10.42 -30.66 23.27
CA ASN B 349 10.28 -32.05 22.85
C ASN B 349 9.10 -32.67 23.59
N ALA B 350 8.62 -33.80 23.10
CA ALA B 350 7.51 -34.51 23.73
C ALA B 350 7.84 -34.79 25.19
N GLY B 351 7.02 -34.25 26.08
CA GLY B 351 7.21 -34.45 27.51
C GLY B 351 8.38 -33.69 28.12
N GLU B 352 8.97 -32.74 27.38
CA GLU B 352 10.09 -31.97 27.89
C GLU B 352 9.59 -30.79 28.71
N SER B 353 10.28 -30.49 29.80
CA SER B 353 9.92 -29.38 30.67
C SER B 353 10.89 -28.23 30.50
N ALA B 354 10.57 -27.12 31.16
CA ALA B 354 11.41 -25.92 31.12
C ALA B 354 12.79 -26.25 31.69
N ALA B 355 12.81 -26.96 32.82
CA ALA B 355 14.05 -27.35 33.48
C ALA B 355 14.94 -28.20 32.56
N ASP B 356 14.35 -29.20 31.92
CA ASP B 356 15.09 -30.06 31.01
C ASP B 356 15.75 -29.20 29.93
N LEU B 357 14.95 -28.35 29.29
CA LEU B 357 15.46 -27.48 28.25
C LEU B 357 16.62 -26.65 28.76
N MET B 358 16.41 -26.01 29.91
CA MET B 358 17.43 -25.16 30.53
C MET B 358 18.77 -25.87 30.67
N ASN B 359 18.72 -27.11 31.19
CA ASN B 359 19.91 -27.90 31.41
C ASN B 359 20.35 -28.75 30.21
N ASP B 360 19.86 -28.41 29.03
CA ASP B 360 20.27 -29.13 27.83
C ASP B 360 21.37 -28.28 27.22
N SER B 361 22.62 -28.70 27.43
CA SER B 361 23.78 -27.98 26.92
C SER B 361 23.74 -27.69 25.42
N ALA B 362 23.34 -28.69 24.64
CA ALA B 362 23.25 -28.54 23.19
C ALA B 362 22.31 -27.41 22.77
N SER B 363 21.33 -27.13 23.62
CA SER B 363 20.35 -26.09 23.33
C SER B 363 20.71 -24.72 23.87
N PHE B 364 21.70 -24.64 24.76
CA PHE B 364 22.09 -23.36 25.32
C PHE B 364 23.58 -23.18 25.58
N ALA B 365 24.08 -23.85 26.60
CA ALA B 365 25.49 -23.75 27.00
C ALA B 365 26.49 -24.03 25.88
N GLY B 366 26.33 -25.17 25.21
CA GLY B 366 27.22 -25.52 24.12
C GLY B 366 26.59 -25.23 22.77
N PHE B 367 25.57 -24.38 22.73
CA PHE B 367 24.90 -24.04 21.48
C PHE B 367 25.71 -23.06 20.62
N ASP B 368 25.84 -23.39 19.34
CA ASP B 368 26.59 -22.57 18.41
C ASP B 368 25.70 -21.57 17.68
N ALA B 369 25.36 -20.49 18.38
CA ALA B 369 24.51 -19.42 17.82
C ALA B 369 25.13 -18.79 16.57
N GLU B 370 26.44 -18.86 16.46
CA GLU B 370 27.18 -18.29 15.32
C GLU B 370 26.90 -19.05 14.03
N ALA B 371 27.07 -20.37 14.07
CA ALA B 371 26.81 -21.18 12.91
C ALA B 371 25.32 -21.16 12.58
N ALA B 372 24.50 -21.21 13.63
CA ALA B 372 23.05 -21.19 13.48
C ALA B 372 22.60 -19.94 12.74
N ALA B 373 23.26 -18.82 13.03
CA ALA B 373 22.94 -17.54 12.42
C ALA B 373 23.22 -17.48 10.93
N GLU B 374 23.96 -18.45 10.41
CA GLU B 374 24.30 -18.45 8.99
C GLU B 374 23.23 -19.02 8.06
N ARG B 375 22.14 -19.56 8.60
CA ARG B 375 21.09 -20.12 7.77
C ARG B 375 20.47 -19.12 6.78
N ASN B 376 20.36 -19.53 5.52
CA ASN B 376 19.74 -18.67 4.51
C ASN B 376 18.28 -19.06 4.47
N PHE B 377 17.43 -18.23 5.08
CA PHE B 377 16.00 -18.52 5.11
C PHE B 377 15.34 -18.39 3.73
N ALA B 378 16.02 -17.69 2.82
CA ALA B 378 15.55 -17.49 1.46
C ALA B 378 14.12 -16.94 1.34
N PHE B 379 13.79 -16.01 2.23
CA PHE B 379 12.46 -15.39 2.24
C PHE B 379 12.17 -14.54 1.02
N ILE B 380 13.22 -13.94 0.44
CA ILE B 380 13.06 -13.11 -0.74
C ILE B 380 12.65 -13.95 -1.96
N ARG B 381 13.34 -15.07 -2.19
CA ARG B 381 13.02 -15.93 -3.30
C ARG B 381 11.60 -16.47 -3.21
N LEU B 382 11.18 -16.83 -2.00
CA LEU B 382 9.83 -17.34 -1.79
C LEU B 382 8.82 -16.27 -2.19
N ASN B 383 9.11 -15.02 -1.86
CA ASN B 383 8.22 -13.91 -2.19
C ASN B 383 8.19 -13.65 -3.69
N GLN B 384 9.32 -13.88 -4.35
CA GLN B 384 9.41 -13.67 -5.79
C GLN B 384 8.53 -14.69 -6.51
N LEU B 385 8.54 -15.93 -6.03
CA LEU B 385 7.73 -17.01 -6.60
C LEU B 385 6.24 -16.71 -6.39
N ALA B 386 5.93 -16.12 -5.24
CA ALA B 386 4.57 -15.74 -4.89
C ALA B 386 4.05 -14.71 -5.88
N ILE B 387 4.82 -13.64 -6.06
CA ILE B 387 4.46 -12.56 -6.97
C ILE B 387 4.39 -13.02 -8.44
N GLU B 388 5.30 -13.90 -8.85
CA GLU B 388 5.28 -14.39 -10.22
C GLU B 388 4.00 -15.16 -10.52
N HIS B 389 3.48 -15.84 -9.51
CA HIS B 389 2.23 -16.58 -9.68
C HIS B 389 1.06 -15.62 -9.81
N LEU B 390 1.11 -14.55 -9.04
CA LEU B 390 0.09 -13.51 -9.03
C LEU B 390 0.01 -12.79 -10.39
N LEU B 391 1.17 -12.69 -11.03
CA LEU B 391 1.30 -12.00 -12.34
C LEU B 391 0.98 -12.96 -13.50
N GLY B 392 1.12 -14.23 -13.20
CA GLY B 392 0.85 -15.31 -14.18
C GLY B 392 2.07 -15.55 -15.09
N SER B 393 3.21 -15.71 -14.43
CA SER B 393 4.51 -16.01 -15.10
C SER B 393 4.77 -17.51 -14.89
N ARG B 394 5.22 -17.83 -13.68
CA ARG B 394 5.26 -19.23 -13.19
C ARG B 394 3.98 -19.62 -12.57
C1 XYL C . 18.73 6.20 1.66
C2 XYL C . 19.05 7.02 0.39
C3 XYL C . 20.54 6.77 -0.13
C4 XYL C . 20.78 7.32 -1.58
C5 XYL C . 22.12 8.01 -1.84
O1 XYL C . 17.43 6.30 1.83
O2 XYL C . 18.13 6.63 -0.59
O3 XYL C . 20.97 5.44 0.01
O4 XYL C . 20.62 6.35 -2.57
O5 XYL C . 22.73 8.67 -0.76
AL AL D . 18.37 6.22 -2.66
AL AL E . 16.59 5.19 0.04
C1 XYL F . -18.32 1.49 7.22
C2 XYL F . -18.82 0.09 7.68
C3 XYL F . -20.02 -0.44 6.76
C4 XYL F . -20.94 -1.54 7.42
C5 XYL F . -21.21 -1.36 8.92
O1 XYL F . -17.00 1.45 7.24
O2 XYL F . -17.74 -0.80 7.53
O3 XYL F . -20.74 0.57 6.06
O4 XYL F . -20.48 -2.91 7.21
O5 XYL F . -22.55 -1.19 9.34
AL AL G . -18.21 -2.79 6.64
AL AL H . -16.32 0.01 5.92
#